data_8U0F
#
_entry.id   8U0F
#
_cell.length_a   186.610
_cell.length_b   186.610
_cell.length_c   59.420
_cell.angle_alpha   90.000
_cell.angle_beta   90.000
_cell.angle_gamma   120.000
#
_symmetry.space_group_name_H-M   'H 3'
#
loop_
_entity.id
_entity.type
_entity.pdbx_description
1 polymer 'Bacterial fluorescent protein alpha'
2 polymer 'Bacterial fluorescent protein beta'
3 non-polymer PHYCOCYANOBILIN
4 non-polymer PHYCOUROBILIN
5 water water
#
loop_
_entity_poly.entity_id
_entity_poly.type
_entity_poly.pdbx_seq_one_letter_code
_entity_poly.pdbx_strand_id
1 'polypeptide(L)'
;MKSVITTTISAADAAGRFPSSSDLESVQGNIQRAASRLEAAEKLAGNHEAVVKEAGDACFAKYSYLKNPGEAGDSQEKIN
KCYRDIDHYMRLINYSLVVGGTGPLDEWCIAGAREVYRTLNLPSSSYVAAFVFTRDRLCVPRDMSAQAGVEYGAALDYVI
NSLC
;
B,K
2 'polypeptide(L)'
;MLDAFSRVVVNSDSKAAYVGGSDLQALKTFIADGNKRLDAVNSIVSNASCIVSDAVSGMICENPGLIAPGGNCYTNRRMA
ACLRDGEIILRYTSYALLAGDSSVLEDRCLNGLKETYIALGVPTNSSVRAVSIMKSAAVAFISNTASQRKMATTDGDCSA
LSSEVASYCDKVAAAI
;
C,L
#
# COMPACT_ATOMS: atom_id res chain seq x y z
N MET A 1 -8.79 3.54 9.81
CA MET A 1 -9.67 2.87 8.84
C MET A 1 -8.83 2.32 7.70
N LYS A 2 -8.71 1.00 7.67
CA LYS A 2 -7.93 0.30 6.66
C LYS A 2 -8.40 0.63 5.25
N SER A 3 -7.51 1.24 4.47
CA SER A 3 -7.75 1.55 3.06
C SER A 3 -6.41 1.55 2.35
N VAL A 4 -6.43 1.69 1.02
CA VAL A 4 -5.19 1.83 0.26
C VAL A 4 -4.40 3.02 0.78
N ILE A 5 -5.11 4.14 0.96
CA ILE A 5 -4.47 5.38 1.36
C ILE A 5 -3.86 5.26 2.74
N THR A 6 -4.66 4.86 3.74
CA THR A 6 -4.14 4.75 5.10
C THR A 6 -3.05 3.70 5.21
N THR A 7 -3.19 2.57 4.51
CA THR A 7 -2.15 1.56 4.58
C THR A 7 -0.81 2.10 4.07
N THR A 8 -0.83 2.76 2.92
CA THR A 8 0.41 3.28 2.36
C THR A 8 1.00 4.38 3.24
N ILE A 9 0.16 5.30 3.70
CA ILE A 9 0.66 6.38 4.54
C ILE A 9 1.23 5.84 5.84
N SER A 10 0.54 4.89 6.49
CA SER A 10 1.10 4.34 7.73
C SER A 10 2.43 3.65 7.49
N ALA A 11 2.55 2.92 6.37
CA ALA A 11 3.84 2.32 6.05
C ALA A 11 4.94 3.38 5.95
N ALA A 12 4.66 4.45 5.20
CA ALA A 12 5.65 5.54 5.07
C ALA A 12 5.95 6.16 6.43
N ASP A 13 4.93 6.37 7.25
CA ASP A 13 5.12 7.00 8.56
C ASP A 13 5.99 6.14 9.47
N ALA A 14 5.78 4.82 9.46
CA ALA A 14 6.60 3.94 10.29
C ALA A 14 8.08 4.04 9.94
N ALA A 15 8.40 4.30 8.68
CA ALA A 15 9.78 4.42 8.25
C ALA A 15 10.25 5.87 8.23
N GLY A 16 9.40 6.80 8.68
CA GLY A 16 9.68 8.23 8.61
C GLY A 16 9.97 8.76 7.21
N ARG A 17 9.21 8.32 6.23
CA ARG A 17 9.46 8.69 4.83
C ARG A 17 8.38 9.63 4.32
N PHE A 18 8.79 10.58 3.48
CA PHE A 18 7.82 11.28 2.64
C PHE A 18 7.15 10.29 1.70
N PRO A 19 5.93 10.57 1.25
CA PRO A 19 5.40 9.83 0.08
C PRO A 19 6.41 9.81 -1.08
N SER A 20 6.58 8.64 -1.69
CA SER A 20 7.37 8.42 -2.89
C SER A 20 6.51 7.73 -3.97
N SER A 21 7.19 7.27 -5.03
CA SER A 21 6.48 6.75 -6.21
C SER A 21 5.48 5.64 -5.86
N SER A 22 5.89 4.68 -5.03
CA SER A 22 5.00 3.56 -4.73
C SER A 22 3.74 4.03 -4.01
N ASP A 23 3.85 5.04 -3.13
CA ASP A 23 2.66 5.57 -2.45
C ASP A 23 1.69 6.23 -3.43
N LEU A 24 2.22 7.05 -4.34
CA LEU A 24 1.37 7.67 -5.35
C LEU A 24 0.70 6.61 -6.23
N GLU A 25 1.46 5.56 -6.61
CA GLU A 25 0.91 4.48 -7.45
C GLU A 25 -0.25 3.76 -6.76
N SER A 26 -0.10 3.48 -5.47
CA SER A 26 -1.20 2.90 -4.70
C SER A 26 -2.46 3.75 -4.77
N VAL A 27 -2.31 5.06 -4.55
CA VAL A 27 -3.51 5.90 -4.64
C VAL A 27 -4.11 5.85 -6.05
N GLN A 28 -3.25 5.82 -7.07
CA GLN A 28 -3.74 5.66 -8.45
C GLN A 28 -4.63 4.42 -8.57
N GLY A 29 -4.26 3.33 -7.91
CA GLY A 29 -5.12 2.15 -7.89
C GLY A 29 -6.48 2.43 -7.28
N ASN A 30 -6.48 3.21 -6.19
CA ASN A 30 -7.76 3.62 -5.62
C ASN A 30 -8.60 4.38 -6.64
N ILE A 31 -7.97 5.28 -7.40
CA ILE A 31 -8.70 6.01 -8.45
C ILE A 31 -9.28 5.04 -9.47
N GLN A 32 -8.51 4.03 -9.85
CA GLN A 32 -8.92 3.14 -10.92
C GLN A 32 -10.10 2.28 -10.54
N ARG A 33 -10.11 1.78 -9.31
CA ARG A 33 -11.14 0.86 -8.86
C ARG A 33 -12.37 1.57 -8.28
N ALA A 34 -12.27 2.90 -8.10
CA ALA A 34 -13.34 3.68 -7.49
C ALA A 34 -14.66 3.51 -8.23
N ALA A 35 -14.62 3.48 -9.56
CA ALA A 35 -15.86 3.46 -10.33
C ALA A 35 -16.69 2.24 -9.98
N SER A 36 -16.09 1.06 -10.00
CA SER A 36 -16.86 -0.14 -9.72
C SER A 36 -17.35 -0.18 -8.28
N ARG A 37 -16.48 0.20 -7.33
CA ARG A 37 -16.98 0.03 -5.96
C ARG A 37 -17.99 1.11 -5.55
N LEU A 38 -17.85 2.33 -6.08
CA LEU A 38 -18.84 3.37 -5.82
C LEU A 38 -20.16 3.04 -6.50
N GLU A 39 -20.12 2.41 -7.67
CA GLU A 39 -21.36 1.92 -8.26
C GLU A 39 -22.04 0.91 -7.33
N ALA A 40 -21.27 -0.07 -6.83
CA ALA A 40 -21.85 -1.06 -5.91
C ALA A 40 -22.41 -0.39 -4.66
N ALA A 41 -21.68 0.56 -4.10
CA ALA A 41 -22.14 1.28 -2.91
C ALA A 41 -23.44 2.00 -3.18
N GLU A 42 -23.52 2.70 -4.31
CA GLU A 42 -24.71 3.47 -4.66
C GLU A 42 -25.91 2.55 -4.88
N LYS A 43 -25.69 1.42 -5.55
CA LYS A 43 -26.78 0.46 -5.75
C LYS A 43 -27.27 -0.07 -4.41
N LEU A 44 -26.34 -0.40 -3.52
CA LEU A 44 -26.73 -0.95 -2.22
C LEU A 44 -27.49 0.08 -1.38
N ALA A 45 -27.02 1.33 -1.37
CA ALA A 45 -27.62 2.35 -0.54
C ALA A 45 -29.02 2.74 -1.00
N GLY A 46 -29.31 2.56 -2.29
CA GLY A 46 -30.59 2.88 -2.88
C GLY A 46 -31.61 1.77 -2.78
N ASN A 47 -31.24 0.60 -2.25
CA ASN A 47 -32.21 -0.48 -2.22
C ASN A 47 -32.01 -1.37 -1.00
N HIS A 48 -31.43 -0.81 0.07
CA HIS A 48 -31.00 -1.66 1.17
C HIS A 48 -32.18 -2.27 1.91
N GLU A 49 -33.34 -1.60 1.91
CA GLU A 49 -34.47 -2.10 2.69
C GLU A 49 -34.93 -3.45 2.16
N ALA A 50 -35.09 -3.56 0.84
CA ALA A 50 -35.50 -4.82 0.24
C ALA A 50 -34.42 -5.89 0.41
N VAL A 51 -33.14 -5.51 0.29
CA VAL A 51 -32.06 -6.47 0.47
C VAL A 51 -32.06 -7.04 1.89
N VAL A 52 -32.16 -6.17 2.89
CA VAL A 52 -32.18 -6.60 4.29
C VAL A 52 -33.40 -7.49 4.55
N LYS A 53 -34.57 -7.06 4.08
CA LYS A 53 -35.78 -7.86 4.26
C LYS A 53 -35.60 -9.26 3.69
N GLU A 54 -35.11 -9.35 2.45
CA GLU A 54 -34.90 -10.66 1.84
C GLU A 54 -33.90 -11.50 2.64
N ALA A 55 -32.82 -10.88 3.11
CA ALA A 55 -31.80 -11.62 3.84
C ALA A 55 -32.34 -12.19 5.15
N GLY A 56 -32.96 -11.35 5.97
CA GLY A 56 -33.59 -11.82 7.20
C GLY A 56 -34.62 -12.91 6.95
N ASP A 57 -35.44 -12.74 5.91
CA ASP A 57 -36.38 -13.80 5.55
C ASP A 57 -35.64 -15.09 5.28
N ALA A 58 -34.51 -15.02 4.57
CA ALA A 58 -33.78 -16.24 4.27
C ALA A 58 -33.23 -16.89 5.55
N CYS A 59 -32.75 -16.07 6.49
CA CYS A 59 -32.22 -16.61 7.74
C CYS A 59 -33.30 -17.38 8.48
N PHE A 60 -34.48 -16.78 8.64
CA PHE A 60 -35.50 -17.49 9.41
C PHE A 60 -36.16 -18.62 8.60
N ALA A 61 -36.19 -18.55 7.27
CA ALA A 61 -36.70 -19.68 6.51
C ALA A 61 -35.75 -20.87 6.62
N LYS A 62 -34.44 -20.61 6.73
CA LYS A 62 -33.52 -21.73 6.84
C LYS A 62 -33.45 -22.28 8.27
N TYR A 63 -33.73 -21.46 9.29
CA TYR A 63 -33.57 -21.84 10.69
C TYR A 63 -34.85 -21.47 11.42
N SER A 64 -35.88 -22.29 11.22
CA SER A 64 -37.14 -22.04 11.91
C SER A 64 -36.98 -22.19 13.42
N TYR A 65 -36.04 -23.03 13.86
CA TYR A 65 -35.85 -23.26 15.28
C TYR A 65 -35.53 -21.99 16.05
N LEU A 66 -35.08 -20.93 15.36
CA LEU A 66 -34.79 -19.67 16.03
C LEU A 66 -36.02 -19.06 16.67
N LYS A 67 -37.21 -19.42 16.19
CA LYS A 67 -38.44 -18.87 16.76
C LYS A 67 -38.95 -19.66 17.95
N ASN A 68 -38.28 -20.75 18.32
CA ASN A 68 -38.66 -21.52 19.50
C ASN A 68 -38.34 -20.75 20.77
N PRO A 69 -39.11 -20.97 21.84
CA PRO A 69 -38.85 -20.26 23.10
C PRO A 69 -37.45 -20.57 23.63
N GLY A 70 -36.79 -19.53 24.15
CA GLY A 70 -35.42 -19.64 24.60
C GLY A 70 -34.38 -19.41 23.53
N GLU A 71 -34.80 -19.27 22.27
CA GLU A 71 -33.90 -19.06 21.16
C GLU A 71 -33.87 -17.57 20.78
N ALA A 72 -32.92 -17.22 19.91
CA ALA A 72 -32.66 -15.82 19.57
C ALA A 72 -33.86 -15.11 18.94
N GLY A 73 -34.75 -15.82 18.26
CA GLY A 73 -35.88 -15.10 17.69
C GLY A 73 -37.23 -15.44 18.27
N ASP A 74 -37.30 -15.64 19.59
CA ASP A 74 -38.53 -16.15 20.19
C ASP A 74 -39.56 -15.05 20.50
N SER A 75 -39.27 -13.80 20.15
CA SER A 75 -40.20 -12.70 20.33
C SER A 75 -40.07 -11.77 19.14
N GLN A 76 -41.07 -10.92 18.96
CA GLN A 76 -41.07 -10.03 17.81
C GLN A 76 -39.94 -9.01 17.90
N GLU A 77 -39.69 -8.49 19.10
CA GLU A 77 -38.61 -7.55 19.29
C GLU A 77 -37.25 -8.16 18.91
N LYS A 78 -37.05 -9.43 19.25
CA LYS A 78 -35.80 -10.10 18.90
C LYS A 78 -35.68 -10.34 17.40
N ILE A 79 -36.79 -10.68 16.73
CA ILE A 79 -36.77 -10.80 15.27
C ILE A 79 -36.41 -9.45 14.66
N ASN A 80 -37.06 -8.38 15.14
CA ASN A 80 -36.76 -7.04 14.67
C ASN A 80 -35.28 -6.72 14.83
N LYS A 81 -34.71 -7.04 15.99
CA LYS A 81 -33.28 -6.84 16.19
C LYS A 81 -32.46 -7.64 15.20
N CYS A 82 -32.92 -8.83 14.82
CA CYS A 82 -32.18 -9.61 13.82
C CYS A 82 -32.12 -8.87 12.49
N TYR A 83 -33.25 -8.37 12.02
CA TYR A 83 -33.25 -7.58 10.78
C TYR A 83 -32.43 -6.30 10.93
N ARG A 84 -32.52 -5.66 12.08
CA ARG A 84 -31.67 -4.48 12.36
C ARG A 84 -30.19 -4.82 12.24
N ASP A 85 -29.76 -5.96 12.81
CA ASP A 85 -28.35 -6.36 12.73
C ASP A 85 -27.93 -6.53 11.29
N ILE A 86 -28.76 -7.23 10.51
CA ILE A 86 -28.46 -7.42 9.10
C ILE A 86 -28.33 -6.07 8.41
N ASP A 87 -29.21 -5.13 8.76
CA ASP A 87 -29.11 -3.77 8.23
C ASP A 87 -27.76 -3.14 8.58
N HIS A 88 -27.35 -3.22 9.84
CA HIS A 88 -26.05 -2.69 10.26
C HIS A 88 -24.93 -3.26 9.40
N TYR A 89 -24.94 -4.58 9.18
CA TYR A 89 -23.91 -5.21 8.35
C TYR A 89 -23.94 -4.68 6.91
N MET A 90 -25.12 -4.58 6.31
CA MET A 90 -25.20 -4.05 4.95
C MET A 90 -24.69 -2.61 4.90
N ARG A 91 -24.99 -1.82 5.94
CA ARG A 91 -24.48 -0.45 6.01
C ARG A 91 -22.96 -0.42 6.10
N LEU A 92 -22.39 -1.31 6.92
CA LEU A 92 -20.93 -1.37 7.01
C LEU A 92 -20.32 -1.81 5.69
N ILE A 93 -20.99 -2.70 4.97
CA ILE A 93 -20.51 -3.07 3.64
C ILE A 93 -20.55 -1.87 2.70
N ASN A 94 -21.64 -1.10 2.76
CA ASN A 94 -21.73 0.14 1.99
C ASN A 94 -20.52 1.02 2.28
N TYR A 95 -20.18 1.15 3.57
CA TYR A 95 -19.02 1.94 3.99
C TYR A 95 -17.71 1.36 3.46
N SER A 96 -17.56 0.03 3.51
CA SER A 96 -16.36 -0.64 3.02
C SER A 96 -16.18 -0.39 1.52
N LEU A 97 -17.29 -0.45 0.78
CA LEU A 97 -17.27 -0.18 -0.66
C LEU A 97 -16.87 1.26 -0.95
N VAL A 98 -17.33 2.20 -0.12
CA VAL A 98 -16.96 3.60 -0.33
C VAL A 98 -15.49 3.84 0.00
N VAL A 99 -15.03 3.30 1.14
CA VAL A 99 -13.63 3.50 1.57
C VAL A 99 -12.67 2.75 0.67
N GLY A 100 -13.10 1.62 0.10
CA GLY A 100 -12.19 0.77 -0.65
C GLY A 100 -11.42 -0.23 0.18
N GLY A 101 -11.77 -0.39 1.45
CA GLY A 101 -11.12 -1.37 2.31
C GLY A 101 -12.10 -1.93 3.31
N THR A 102 -11.63 -2.89 4.09
CA THR A 102 -12.48 -3.59 5.05
C THR A 102 -12.53 -2.90 6.40
N GLY A 103 -11.90 -1.74 6.53
CA GLY A 103 -11.80 -1.01 7.78
C GLY A 103 -13.09 -0.83 8.56
N PRO A 104 -14.13 -0.29 7.92
CA PRO A 104 -15.40 -0.08 8.65
C PRO A 104 -15.99 -1.38 9.17
N LEU A 105 -15.93 -2.45 8.37
CA LEU A 105 -16.37 -3.75 8.85
C LEU A 105 -15.49 -4.21 10.01
N ASP A 106 -14.16 -4.12 9.85
CA ASP A 106 -13.26 -4.67 10.86
C ASP A 106 -13.46 -3.98 12.19
N GLU A 107 -13.65 -2.68 12.18
CA GLU A 107 -13.67 -1.99 13.45
C GLU A 107 -15.05 -1.91 14.03
N TRP A 108 -16.09 -1.86 13.19
CA TRP A 108 -17.43 -1.59 13.70
C TRP A 108 -18.33 -2.82 13.71
N CYS A 109 -17.96 -3.90 13.04
CA CYS A 109 -18.83 -5.07 13.15
C CYS A 109 -18.10 -6.34 13.58
N ILE A 110 -16.87 -6.56 13.11
CA ILE A 110 -16.20 -7.84 13.34
C ILE A 110 -15.53 -7.87 14.71
N ALA A 111 -14.75 -6.84 15.03
CA ALA A 111 -14.08 -6.79 16.32
C ALA A 111 -15.10 -6.96 17.44
N GLY A 112 -14.88 -7.97 18.29
CA GLY A 112 -15.72 -8.29 19.42
C GLY A 112 -16.99 -9.03 19.10
N ALA A 113 -17.27 -9.29 17.82
CA ALA A 113 -18.55 -9.91 17.45
C ALA A 113 -18.71 -11.29 18.08
N ARG A 114 -17.64 -12.09 18.08
CA ARG A 114 -17.76 -13.45 18.59
C ARG A 114 -18.09 -13.46 20.08
N GLU A 115 -17.44 -12.59 20.86
CA GLU A 115 -17.78 -12.48 22.28
C GLU A 115 -19.24 -12.09 22.48
N VAL A 116 -19.72 -11.12 21.69
CA VAL A 116 -21.11 -10.68 21.81
C VAL A 116 -22.06 -11.83 21.48
N TYR A 117 -21.85 -12.48 20.33
CA TYR A 117 -22.80 -13.47 19.84
C TYR A 117 -22.82 -14.71 20.72
N ARG A 118 -21.69 -15.03 21.35
CA ARG A 118 -21.66 -16.14 22.27
C ARG A 118 -22.36 -15.80 23.57
N THR A 119 -22.12 -14.58 24.09
CA THR A 119 -22.84 -14.22 25.32
C THR A 119 -24.33 -14.05 25.09
N LEU A 120 -24.74 -13.75 23.86
CA LEU A 120 -26.14 -13.50 23.54
C LEU A 120 -26.79 -14.68 22.83
N ASN A 121 -26.12 -15.82 22.72
CA ASN A 121 -26.76 -17.00 22.11
C ASN A 121 -27.24 -16.70 20.69
N LEU A 122 -26.45 -15.94 19.94
CA LEU A 122 -26.80 -15.64 18.56
C LEU A 122 -25.98 -16.55 17.68
N PRO A 123 -26.55 -17.59 17.08
CA PRO A 123 -25.74 -18.54 16.30
C PRO A 123 -25.14 -17.88 15.06
N SER A 124 -23.83 -18.07 14.88
CA SER A 124 -23.12 -17.51 13.73
C SER A 124 -23.70 -17.99 12.40
N SER A 125 -24.20 -19.23 12.37
CA SER A 125 -24.73 -19.80 11.14
C SER A 125 -25.89 -18.98 10.59
N SER A 126 -26.64 -18.28 11.44
CA SER A 126 -27.78 -17.48 10.99
C SER A 126 -27.34 -16.24 10.19
N TYR A 127 -26.40 -15.48 10.74
CA TYR A 127 -25.81 -14.37 9.99
C TYR A 127 -25.19 -14.86 8.69
N VAL A 128 -24.44 -15.97 8.76
CA VAL A 128 -23.83 -16.49 7.54
C VAL A 128 -24.92 -16.82 6.51
N ALA A 129 -26.05 -17.38 6.96
CA ALA A 129 -27.13 -17.69 6.02
C ALA A 129 -27.66 -16.43 5.36
N ALA A 130 -27.82 -15.37 6.13
CA ALA A 130 -28.31 -14.12 5.54
C ALA A 130 -27.35 -13.60 4.48
N PHE A 131 -26.05 -13.68 4.75
CA PHE A 131 -25.07 -13.15 3.80
C PHE A 131 -24.87 -14.06 2.60
N VAL A 132 -24.91 -15.37 2.80
CA VAL A 132 -24.84 -16.29 1.67
C VAL A 132 -26.03 -16.06 0.73
N PHE A 133 -27.25 -15.98 1.30
CA PHE A 133 -28.40 -15.67 0.45
C PHE A 133 -28.16 -14.40 -0.35
N THR A 134 -27.72 -13.33 0.31
CA THR A 134 -27.50 -12.07 -0.39
C THR A 134 -26.47 -12.23 -1.51
N ARG A 135 -25.36 -12.90 -1.23
CA ARG A 135 -24.33 -13.10 -2.25
C ARG A 135 -24.88 -13.88 -3.44
N ASP A 136 -25.62 -14.96 -3.18
CA ASP A 136 -26.16 -15.78 -4.26
C ASP A 136 -27.32 -15.12 -5.01
N ARG A 137 -28.01 -14.18 -4.39
CA ARG A 137 -29.17 -13.53 -5.00
C ARG A 137 -28.76 -12.47 -6.02
N LEU A 138 -27.57 -11.89 -5.86
CA LEU A 138 -27.05 -10.88 -6.78
C LEU A 138 -27.16 -11.34 -8.23
N CYS A 139 -27.72 -10.49 -9.08
CA CYS A 139 -27.93 -10.77 -10.50
C CYS A 139 -27.23 -9.71 -11.34
N VAL A 140 -26.37 -10.14 -12.25
CA VAL A 140 -25.55 -9.25 -13.06
C VAL A 140 -26.02 -9.38 -14.51
N PRO A 141 -26.31 -8.26 -15.22
CA PRO A 141 -26.20 -6.84 -14.88
C PRO A 141 -27.48 -6.24 -14.33
N ARG A 142 -28.46 -7.09 -14.02
CA ARG A 142 -29.74 -6.61 -13.51
C ARG A 142 -29.53 -5.69 -12.32
N ASP A 143 -28.70 -6.11 -11.37
CA ASP A 143 -28.56 -5.39 -10.11
C ASP A 143 -27.41 -4.39 -10.11
N MET A 144 -26.30 -4.75 -10.75
CA MET A 144 -25.15 -3.85 -10.90
C MET A 144 -24.25 -4.44 -11.98
N SER A 145 -23.19 -3.69 -12.31
CA SER A 145 -22.21 -4.12 -13.31
C SER A 145 -21.37 -5.27 -12.77
N ALA A 146 -20.66 -5.94 -13.68
CA ALA A 146 -19.84 -7.11 -13.31
C ALA A 146 -18.83 -6.77 -12.21
N GLN A 147 -18.02 -5.74 -12.43
CA GLN A 147 -16.99 -5.36 -11.46
C GLN A 147 -17.58 -4.80 -10.17
N ALA A 148 -18.71 -4.09 -10.26
CA ALA A 148 -19.40 -3.68 -9.05
C ALA A 148 -19.79 -4.91 -8.22
N GLY A 149 -20.29 -5.95 -8.89
CA GLY A 149 -20.59 -7.20 -8.21
C GLY A 149 -19.36 -7.90 -7.64
N VAL A 150 -18.23 -7.81 -8.33
CA VAL A 150 -17.01 -8.37 -7.77
C VAL A 150 -16.71 -7.72 -6.42
N GLU A 151 -16.85 -6.40 -6.37
CA GLU A 151 -16.60 -5.68 -5.12
C GLU A 151 -17.63 -6.02 -4.05
N TYR A 152 -18.92 -6.02 -4.43
CA TYR A 152 -19.97 -6.32 -3.48
C TYR A 152 -19.84 -7.76 -2.93
N GLY A 153 -19.68 -8.73 -3.84
CA GLY A 153 -19.50 -10.10 -3.41
C GLY A 153 -18.27 -10.31 -2.55
N ALA A 154 -17.18 -9.58 -2.85
CA ALA A 154 -15.97 -9.71 -2.06
C ALA A 154 -16.18 -9.22 -0.64
N ALA A 155 -16.86 -8.08 -0.46
CA ALA A 155 -17.17 -7.62 0.88
C ALA A 155 -18.05 -8.63 1.64
N LEU A 156 -19.07 -9.18 0.97
CA LEU A 156 -19.91 -10.20 1.58
C LEU A 156 -19.09 -11.44 1.97
N ASP A 157 -18.22 -11.90 1.07
CA ASP A 157 -17.36 -13.02 1.38
C ASP A 157 -16.45 -12.72 2.57
N TYR A 158 -15.95 -11.48 2.66
CA TYR A 158 -15.10 -11.12 3.80
C TYR A 158 -15.89 -11.23 5.10
N VAL A 159 -17.13 -10.75 5.10
CA VAL A 159 -17.96 -10.86 6.30
C VAL A 159 -18.16 -12.32 6.67
N ILE A 160 -18.53 -13.14 5.67
CA ILE A 160 -18.78 -14.56 5.91
C ILE A 160 -17.53 -15.24 6.48
N ASN A 161 -16.38 -14.99 5.88
CA ASN A 161 -15.15 -15.59 6.38
C ASN A 161 -14.85 -15.12 7.80
N SER A 162 -15.24 -13.89 8.16
CA SER A 162 -15.04 -13.43 9.53
C SER A 162 -15.86 -14.24 10.53
N LEU A 163 -16.99 -14.77 10.10
CA LEU A 163 -17.87 -15.57 10.93
C LEU A 163 -17.58 -17.07 10.82
N CYS A 164 -16.52 -17.44 10.11
CA CYS A 164 -16.14 -18.85 9.95
C CYS A 164 -15.02 -19.21 10.91
N MET B 1 -6.03 6.64 11.50
CA MET B 1 -6.21 7.78 10.60
C MET B 1 -7.32 7.55 9.58
N LEU B 2 -7.88 8.65 9.11
CA LEU B 2 -8.95 8.69 8.13
C LEU B 2 -8.43 9.37 6.86
N ASP B 3 -8.99 8.98 5.72
CA ASP B 3 -8.84 9.71 4.47
C ASP B 3 -10.17 10.38 4.12
N ALA B 4 -10.22 11.02 2.95
CA ALA B 4 -11.45 11.71 2.56
C ALA B 4 -12.64 10.77 2.53
N PHE B 5 -12.41 9.50 2.14
CA PHE B 5 -13.50 8.54 2.03
C PHE B 5 -13.97 8.10 3.41
N SER B 6 -13.03 7.71 4.28
CA SER B 6 -13.42 7.28 5.62
C SER B 6 -13.98 8.45 6.42
N ARG B 7 -13.53 9.67 6.14
CA ARG B 7 -14.15 10.84 6.76
C ARG B 7 -15.63 10.91 6.41
N VAL B 8 -15.96 10.72 5.12
CA VAL B 8 -17.36 10.69 4.73
C VAL B 8 -18.10 9.57 5.46
N VAL B 9 -17.46 8.43 5.61
CA VAL B 9 -18.11 7.27 6.24
C VAL B 9 -18.37 7.52 7.72
N VAL B 10 -17.40 8.11 8.42
CA VAL B 10 -17.58 8.44 9.84
C VAL B 10 -18.75 9.42 10.01
N ASN B 11 -18.79 10.45 9.16
CA ASN B 11 -19.90 11.40 9.22
C ASN B 11 -21.24 10.70 8.97
N SER B 12 -21.28 9.79 7.98
CA SER B 12 -22.51 9.04 7.71
C SER B 12 -22.90 8.15 8.89
N ASP B 13 -21.91 7.50 9.50
CA ASP B 13 -22.17 6.61 10.64
C ASP B 13 -22.79 7.36 11.79
N SER B 14 -22.44 8.65 11.97
CA SER B 14 -23.07 9.44 13.02
C SER B 14 -24.60 9.42 12.93
N LYS B 15 -25.15 9.19 11.73
CA LYS B 15 -26.58 9.17 11.52
C LYS B 15 -27.12 7.80 11.17
N ALA B 16 -26.30 6.75 11.34
CA ALA B 16 -26.67 5.39 10.90
C ALA B 16 -27.21 5.41 9.49
N ALA B 17 -26.58 6.17 8.61
CA ALA B 17 -27.05 6.30 7.24
C ALA B 17 -26.10 5.63 6.26
N TYR B 18 -26.66 5.14 5.17
CA TYR B 18 -25.86 4.74 4.03
C TYR B 18 -25.32 6.02 3.40
N VAL B 19 -24.20 5.91 2.69
CA VAL B 19 -23.58 7.11 2.15
C VAL B 19 -24.52 7.79 1.15
N GLY B 20 -24.82 9.06 1.40
CA GLY B 20 -25.77 9.79 0.57
C GLY B 20 -25.22 10.10 -0.82
N GLY B 21 -26.14 10.20 -1.78
CA GLY B 21 -25.75 10.55 -3.14
C GLY B 21 -24.93 11.83 -3.23
N SER B 22 -25.25 12.82 -2.38
CA SER B 22 -24.49 14.05 -2.33
C SER B 22 -23.02 13.79 -1.96
N ASP B 23 -22.81 12.95 -0.94
CA ASP B 23 -21.45 12.58 -0.56
C ASP B 23 -20.75 11.80 -1.67
N LEU B 24 -21.46 10.86 -2.30
CA LEU B 24 -20.87 10.12 -3.42
C LEU B 24 -20.42 11.07 -4.54
N GLN B 25 -21.24 12.08 -4.85
CA GLN B 25 -20.85 13.09 -5.84
C GLN B 25 -19.56 13.78 -5.45
N ALA B 26 -19.48 14.25 -4.21
CA ALA B 26 -18.26 14.91 -3.75
C ALA B 26 -17.03 14.00 -3.86
N LEU B 27 -17.17 12.74 -3.46
CA LEU B 27 -16.05 11.80 -3.56
C LEU B 27 -15.66 11.56 -5.01
N LYS B 28 -16.64 11.55 -5.90
CA LYS B 28 -16.34 11.42 -7.31
C LYS B 28 -15.57 12.64 -7.83
N THR B 29 -15.85 13.80 -7.26
CA THR B 29 -15.04 14.98 -7.56
C THR B 29 -13.60 14.78 -7.09
N PHE B 30 -13.44 14.27 -5.87
CA PHE B 30 -12.11 13.94 -5.37
C PHE B 30 -11.39 12.97 -6.31
N ILE B 31 -12.10 11.95 -6.80
CA ILE B 31 -11.49 11.00 -7.72
C ILE B 31 -11.06 11.69 -9.01
N ALA B 32 -11.95 12.52 -9.57
CA ALA B 32 -11.68 13.23 -10.82
C ALA B 32 -10.42 14.09 -10.72
N ASP B 33 -10.17 14.70 -9.56
CA ASP B 33 -8.96 15.49 -9.33
C ASP B 33 -7.82 14.68 -8.76
N GLY B 34 -7.90 13.35 -8.82
CA GLY B 34 -6.86 12.51 -8.22
C GLY B 34 -5.48 12.75 -8.81
N ASN B 35 -5.39 12.80 -10.15
CA ASN B 35 -4.09 13.01 -10.78
C ASN B 35 -3.49 14.35 -10.38
N LYS B 36 -4.31 15.39 -10.32
CA LYS B 36 -3.82 16.69 -9.84
C LYS B 36 -3.31 16.58 -8.41
N ARG B 37 -4.03 15.83 -7.56
CA ARG B 37 -3.58 15.65 -6.19
C ARG B 37 -2.22 14.97 -6.16
N LEU B 38 -2.02 13.97 -7.03
CA LEU B 38 -0.74 13.26 -7.03
C LEU B 38 0.39 14.17 -7.52
N ASP B 39 0.11 15.00 -8.52
CA ASP B 39 1.12 15.98 -8.95
C ASP B 39 1.45 16.95 -7.83
N ALA B 40 0.44 17.41 -7.10
CA ALA B 40 0.63 18.31 -5.96
C ALA B 40 1.58 17.68 -4.93
N VAL B 41 1.30 16.44 -4.55
CA VAL B 41 2.17 15.77 -3.58
C VAL B 41 3.58 15.62 -4.15
N ASN B 42 3.69 15.18 -5.40
CA ASN B 42 5.00 15.03 -6.02
C ASN B 42 5.78 16.35 -5.98
N SER B 43 5.10 17.47 -6.24
CA SER B 43 5.77 18.76 -6.25
C SER B 43 6.28 19.15 -4.86
N ILE B 44 5.58 18.74 -3.81
CA ILE B 44 6.13 19.05 -2.48
C ILE B 44 7.27 18.10 -2.10
N VAL B 45 7.07 16.78 -2.28
CA VAL B 45 8.07 15.86 -1.76
C VAL B 45 9.35 15.96 -2.56
N SER B 46 9.25 16.30 -3.85
CA SER B 46 10.43 16.43 -4.70
C SER B 46 11.26 17.65 -4.37
N ASN B 47 10.76 18.57 -3.51
CA ASN B 47 11.48 19.77 -3.14
C ASN B 47 11.51 19.96 -1.62
N ALA B 48 11.30 18.88 -0.87
CA ALA B 48 11.21 18.96 0.59
C ALA B 48 12.46 19.57 1.24
N SER B 49 13.65 19.18 0.80
CA SER B 49 14.88 19.78 1.34
C SER B 49 14.89 21.30 1.14
N CYS B 50 14.62 21.74 -0.09
CA CYS B 50 14.55 23.17 -0.38
C CYS B 50 13.53 23.85 0.53
N ILE B 51 12.34 23.30 0.64
CA ILE B 51 11.29 23.91 1.45
C ILE B 51 11.76 24.08 2.90
N VAL B 52 12.25 23.00 3.51
CA VAL B 52 12.56 23.04 4.93
C VAL B 52 13.77 23.94 5.21
N SER B 53 14.85 23.78 4.46
CA SER B 53 16.03 24.56 4.78
C SER B 53 15.80 26.04 4.50
N ASP B 54 15.08 26.37 3.43
CA ASP B 54 14.75 27.77 3.19
C ASP B 54 13.87 28.33 4.30
N ALA B 55 12.93 27.53 4.84
CA ALA B 55 12.05 28.07 5.87
C ALA B 55 12.78 28.26 7.21
N VAL B 56 13.63 27.31 7.61
CA VAL B 56 14.39 27.47 8.84
C VAL B 56 15.38 28.64 8.71
N SER B 57 16.09 28.72 7.57
CA SER B 57 17.00 29.84 7.31
C SER B 57 16.27 31.19 7.33
N GLY B 58 15.07 31.25 6.75
CA GLY B 58 14.29 32.49 6.80
C GLY B 58 13.89 32.86 8.20
N MET B 59 13.37 31.88 8.95
CA MET B 59 13.07 32.12 10.35
C MET B 59 14.27 32.73 11.08
N ILE B 60 15.47 32.23 10.80
CA ILE B 60 16.65 32.70 11.53
C ILE B 60 17.09 34.08 11.04
N CYS B 61 17.11 34.30 9.73
CA CYS B 61 17.57 35.60 9.23
C CYS B 61 16.60 36.70 9.58
N GLU B 62 15.35 36.37 9.90
CA GLU B 62 14.44 37.38 10.42
C GLU B 62 14.57 37.58 11.94
N ASN B 63 15.16 36.63 12.67
CA ASN B 63 15.30 36.70 14.13
C ASN B 63 16.65 36.12 14.53
N PRO B 64 17.74 36.89 14.37
CA PRO B 64 19.08 36.33 14.61
C PRO B 64 19.36 35.95 16.07
N GLY B 65 18.57 36.44 17.01
CA GLY B 65 18.68 35.96 18.37
C GLY B 65 18.58 34.45 18.49
N LEU B 66 17.91 33.81 17.52
CA LEU B 66 17.79 32.36 17.55
C LEU B 66 19.16 31.68 17.52
N ILE B 67 20.17 32.33 16.93
CA ILE B 67 21.48 31.71 16.80
C ILE B 67 22.52 32.36 17.71
N ALA B 68 22.10 33.30 18.56
CA ALA B 68 22.99 33.79 19.59
C ALA B 68 23.01 32.82 20.77
N PRO B 69 24.05 32.87 21.61
CA PRO B 69 24.05 32.04 22.82
C PRO B 69 22.74 32.17 23.56
N GLY B 70 22.14 31.04 23.92
CA GLY B 70 20.82 31.06 24.51
C GLY B 70 19.68 30.95 23.52
N GLY B 71 19.92 31.28 22.25
CA GLY B 71 18.89 31.07 21.24
C GLY B 71 18.56 29.60 21.05
N ASN B 72 17.30 29.32 20.74
CA ASN B 72 16.91 27.93 20.61
C ASN B 72 17.45 27.23 19.36
N CYS B 73 18.11 27.95 18.44
CA CYS B 73 18.83 27.31 17.34
C CYS B 73 20.35 27.34 17.53
N TYR B 74 20.83 27.68 18.72
CA TYR B 74 22.25 27.83 19.00
C TYR B 74 22.86 26.47 19.27
N THR B 75 24.05 26.23 18.70
CA THR B 75 24.76 24.96 18.62
C THR B 75 24.17 24.14 17.48
N ASN B 76 24.98 23.22 16.94
CA ASN B 76 24.57 22.38 15.83
C ASN B 76 23.48 21.40 16.23
N ARG B 77 23.53 20.91 17.47
CA ARG B 77 22.51 20.00 17.97
C ARG B 77 21.11 20.60 17.85
N ARG B 78 20.95 21.87 18.25
CA ARG B 78 19.63 22.50 18.21
C ARG B 78 19.19 22.81 16.79
N MET B 79 20.12 23.33 15.97
CA MET B 79 19.80 23.59 14.57
C MET B 79 19.38 22.31 13.86
N ALA B 80 20.08 21.21 14.15
CA ALA B 80 19.73 19.94 13.54
C ALA B 80 18.35 19.48 14.01
N ALA B 81 18.08 19.61 15.30
CA ALA B 81 16.75 19.26 15.82
C ALA B 81 15.65 20.09 15.18
N CYS B 82 15.94 21.37 14.89
CA CYS B 82 14.93 22.26 14.30
C CYS B 82 14.71 21.95 12.82
N LEU B 83 15.78 21.64 12.08
CA LEU B 83 15.62 21.21 10.70
C LEU B 83 14.83 19.91 10.64
N ARG B 84 15.10 19.01 11.59
CA ARG B 84 14.34 17.76 11.68
C ARG B 84 12.87 18.01 11.97
N ASP B 85 12.55 18.93 12.87
CA ASP B 85 11.15 19.28 13.14
C ASP B 85 10.48 19.87 11.90
N GLY B 86 11.15 20.79 11.21
CA GLY B 86 10.60 21.32 9.96
C GLY B 86 10.29 20.22 8.95
N GLU B 87 11.21 19.27 8.79
CA GLU B 87 10.99 18.16 7.87
C GLU B 87 9.83 17.28 8.31
N ILE B 88 9.77 16.93 9.60
CA ILE B 88 8.67 16.12 10.13
C ILE B 88 7.32 16.78 9.86
N ILE B 89 7.23 18.08 10.15
CA ILE B 89 5.96 18.79 9.93
C ILE B 89 5.58 18.76 8.45
N LEU B 90 6.55 19.03 7.57
CA LEU B 90 6.24 18.99 6.15
C LEU B 90 5.79 17.60 5.71
N ARG B 91 6.42 16.57 6.28
CA ARG B 91 6.07 15.19 5.95
C ARG B 91 4.62 14.89 6.32
N TYR B 92 4.20 15.30 7.52
CA TYR B 92 2.82 15.07 7.92
C TYR B 92 1.84 15.90 7.10
N THR B 93 2.22 17.14 6.75
CA THR B 93 1.39 17.92 5.85
C THR B 93 1.23 17.24 4.49
N SER B 94 2.32 16.67 3.95
CA SER B 94 2.21 15.92 2.70
C SER B 94 1.33 14.66 2.85
N TYR B 95 1.35 14.01 4.02
CA TYR B 95 0.42 12.90 4.22
C TYR B 95 -1.02 13.37 4.17
N ALA B 96 -1.31 14.49 4.85
CA ALA B 96 -2.66 15.05 4.82
C ALA B 96 -3.08 15.39 3.40
N LEU B 97 -2.15 15.91 2.60
CA LEU B 97 -2.48 16.22 1.20
C LEU B 97 -2.75 14.96 0.39
N LEU B 98 -1.97 13.90 0.62
CA LEU B 98 -2.18 12.66 -0.12
C LEU B 98 -3.53 12.02 0.25
N ALA B 99 -3.87 12.06 1.55
CA ALA B 99 -5.09 11.45 2.08
C ALA B 99 -6.32 12.32 1.89
N GLY B 100 -6.15 13.63 1.69
CA GLY B 100 -7.27 14.55 1.65
C GLY B 100 -7.95 14.78 2.99
N ASP B 101 -7.27 14.50 4.10
CA ASP B 101 -7.86 14.69 5.42
C ASP B 101 -6.76 15.04 6.42
N SER B 102 -7.10 15.86 7.39
CA SER B 102 -6.07 16.32 8.30
C SER B 102 -5.90 15.44 9.53
N SER B 103 -6.62 14.32 9.61
CA SER B 103 -6.53 13.47 10.81
C SER B 103 -5.11 12.94 11.04
N VAL B 104 -4.42 12.51 9.99
CA VAL B 104 -3.06 11.99 10.20
C VAL B 104 -2.19 13.05 10.87
N LEU B 105 -2.26 14.29 10.39
CA LEU B 105 -1.48 15.38 10.93
C LEU B 105 -1.91 15.68 12.36
N GLU B 106 -3.21 15.76 12.62
CA GLU B 106 -3.66 16.12 13.96
C GLU B 106 -3.27 15.06 14.99
N ASP B 107 -3.42 13.79 14.63
CA ASP B 107 -3.26 12.70 15.60
C ASP B 107 -1.80 12.30 15.79
N ARG B 108 -1.02 12.23 14.72
CA ARG B 108 0.33 11.69 14.85
C ARG B 108 1.39 12.77 14.93
N CYS B 109 1.03 14.03 14.81
CA CYS B 109 2.05 15.08 14.80
C CYS B 109 1.70 16.18 15.79
N LEU B 110 0.49 16.70 15.70
CA LEU B 110 0.13 17.89 16.44
C LEU B 110 -0.37 17.58 17.84
N ASN B 111 -0.84 16.37 18.09
CA ASN B 111 -1.42 16.03 19.39
C ASN B 111 -0.30 16.06 20.43
N GLY B 112 -0.33 17.07 21.31
CA GLY B 112 0.69 17.21 22.32
C GLY B 112 1.87 18.07 21.94
N LEU B 113 1.96 18.54 20.68
CA LEU B 113 3.12 19.32 20.24
C LEU B 113 3.28 20.60 21.05
N LYS B 114 2.19 21.34 21.23
CA LYS B 114 2.24 22.58 22.02
C LYS B 114 2.84 22.35 23.40
N GLU B 115 2.31 21.37 24.16
CA GLU B 115 2.86 21.07 25.48
C GLU B 115 4.33 20.66 25.41
N THR B 116 4.69 19.81 24.45
CA THR B 116 6.08 19.42 24.30
C THR B 116 6.98 20.63 24.12
N TYR B 117 6.59 21.54 23.23
CA TYR B 117 7.40 22.72 22.97
C TYR B 117 7.48 23.64 24.19
N ILE B 118 6.39 23.74 24.96
CA ILE B 118 6.45 24.46 26.23
C ILE B 118 7.47 23.80 27.16
N ALA B 119 7.40 22.48 27.29
CA ALA B 119 8.32 21.78 28.17
C ALA B 119 9.77 22.00 27.77
N LEU B 120 10.06 21.93 26.47
CA LEU B 120 11.44 22.04 25.99
C LEU B 120 11.95 23.47 25.93
N GLY B 121 11.07 24.47 25.85
CA GLY B 121 11.50 25.82 25.60
C GLY B 121 11.63 26.21 24.14
N VAL B 122 11.04 25.44 23.23
CA VAL B 122 11.08 25.86 21.82
C VAL B 122 10.12 27.03 21.61
N PRO B 123 10.59 28.15 21.05
CA PRO B 123 9.71 29.32 20.89
C PRO B 123 8.59 29.05 19.88
N THR B 124 7.34 29.23 20.32
CA THR B 124 6.21 28.99 19.42
C THR B 124 6.14 30.03 18.30
N ASN B 125 6.45 31.29 18.60
CA ASN B 125 6.38 32.33 17.56
C ASN B 125 7.35 32.04 16.42
N SER B 126 8.57 31.64 16.75
CA SER B 126 9.54 31.27 15.70
C SER B 126 9.06 30.04 14.93
N SER B 127 8.46 29.08 15.62
CA SER B 127 7.93 27.90 14.95
C SER B 127 6.85 28.27 13.94
N VAL B 128 5.88 29.10 14.36
CA VAL B 128 4.85 29.50 13.41
C VAL B 128 5.46 30.23 12.24
N ARG B 129 6.52 31.02 12.47
CA ARG B 129 7.12 31.69 11.32
C ARG B 129 7.75 30.69 10.34
N ALA B 130 8.46 29.67 10.85
CA ALA B 130 9.01 28.65 9.95
C ALA B 130 7.91 27.93 9.19
N VAL B 131 6.82 27.60 9.88
CA VAL B 131 5.71 26.89 9.25
C VAL B 131 5.03 27.78 8.19
N SER B 132 4.86 29.07 8.45
CA SER B 132 4.21 29.90 7.43
C SER B 132 5.14 30.13 6.22
N ILE B 133 6.45 30.14 6.42
CA ILE B 133 7.34 30.19 5.26
C ILE B 133 7.21 28.90 4.44
N MET B 134 7.23 27.75 5.11
CA MET B 134 6.99 26.48 4.41
C MET B 134 5.64 26.51 3.68
N LYS B 135 4.63 27.10 4.31
CA LYS B 135 3.32 27.23 3.69
C LYS B 135 3.42 27.95 2.35
N SER B 136 4.04 29.13 2.35
CA SER B 136 4.19 29.88 1.09
C SER B 136 4.99 29.08 0.06
N ALA B 137 6.08 28.42 0.50
CA ALA B 137 6.90 27.63 -0.40
C ALA B 137 6.11 26.48 -1.03
N ALA B 138 5.45 25.68 -0.17
CA ALA B 138 4.64 24.56 -0.62
C ALA B 138 3.54 24.99 -1.58
N VAL B 139 2.82 26.06 -1.24
CA VAL B 139 1.79 26.56 -2.14
C VAL B 139 2.42 26.91 -3.49
N ALA B 140 3.57 27.58 -3.47
CA ALA B 140 4.22 27.91 -4.74
C ALA B 140 4.53 26.66 -5.55
N PHE B 141 5.06 25.62 -4.90
CA PHE B 141 5.38 24.40 -5.64
C PHE B 141 4.13 23.69 -6.13
N ILE B 142 3.02 23.75 -5.38
CA ILE B 142 1.76 23.20 -5.88
C ILE B 142 1.32 23.94 -7.14
N SER B 143 1.33 25.27 -7.08
CA SER B 143 0.89 26.11 -8.19
C SER B 143 1.97 26.25 -9.26
N ASN B 144 3.13 25.61 -9.07
CA ASN B 144 4.25 25.65 -10.00
C ASN B 144 4.70 27.09 -10.27
N THR B 145 4.74 27.90 -9.22
CA THR B 145 5.19 29.29 -9.29
C THR B 145 6.46 29.56 -8.50
N ALA B 146 7.17 28.51 -8.05
CA ALA B 146 8.50 28.70 -7.50
C ALA B 146 9.43 29.29 -8.54
N SER B 147 10.18 30.32 -8.13
CA SER B 147 11.02 31.04 -9.07
C SER B 147 12.13 30.16 -9.65
N GLN B 148 12.79 29.36 -8.82
CA GLN B 148 14.02 28.67 -9.20
C GLN B 148 13.83 27.24 -9.65
N ARG B 149 12.71 26.60 -9.37
CA ARG B 149 12.46 25.31 -9.97
C ARG B 149 11.06 25.25 -10.55
N LYS B 150 10.94 24.69 -11.74
CA LYS B 150 9.66 24.38 -12.37
C LYS B 150 9.47 22.88 -12.46
N MET B 151 8.21 22.47 -12.44
CA MET B 151 7.84 21.08 -12.56
C MET B 151 6.81 21.03 -13.68
N ALA B 152 7.11 20.31 -14.74
CA ALA B 152 6.22 20.34 -15.90
C ALA B 152 4.96 19.53 -15.60
N THR B 153 3.80 20.17 -15.73
CA THR B 153 2.51 19.49 -15.73
C THR B 153 1.65 19.99 -16.86
N THR B 154 0.63 19.21 -17.18
CA THR B 154 -0.41 19.67 -18.09
C THR B 154 -1.17 20.83 -17.45
N ASP B 155 -1.53 21.82 -18.27
CA ASP B 155 -2.07 23.06 -17.75
C ASP B 155 -3.43 22.85 -17.09
N GLY B 156 -3.64 23.53 -15.99
CA GLY B 156 -4.94 23.51 -15.35
C GLY B 156 -4.94 24.26 -14.04
N ASP B 157 -5.94 23.97 -13.22
CA ASP B 157 -6.25 24.79 -12.05
C ASP B 157 -6.11 23.92 -10.80
N CYS B 158 -5.09 24.21 -9.99
CA CYS B 158 -4.85 23.49 -8.73
C CYS B 158 -5.04 24.37 -7.51
N SER B 159 -5.83 25.43 -7.64
CA SER B 159 -6.08 26.34 -6.54
C SER B 159 -6.67 25.61 -5.35
N ALA B 160 -7.64 24.71 -5.58
CA ALA B 160 -8.22 23.98 -4.47
C ALA B 160 -7.16 23.21 -3.69
N LEU B 161 -6.21 22.59 -4.38
CA LEU B 161 -5.19 21.80 -3.68
C LEU B 161 -4.24 22.69 -2.88
N SER B 162 -3.83 23.84 -3.46
CA SER B 162 -2.98 24.76 -2.71
C SER B 162 -3.70 25.31 -1.49
N SER B 163 -4.98 25.65 -1.65
CA SER B 163 -5.80 26.06 -0.50
C SER B 163 -5.83 24.99 0.58
N GLU B 164 -5.94 23.72 0.16
CA GLU B 164 -5.90 22.62 1.13
C GLU B 164 -4.56 22.56 1.86
N VAL B 165 -3.45 22.63 1.10
CA VAL B 165 -2.11 22.64 1.72
C VAL B 165 -2.00 23.76 2.74
N ALA B 166 -2.48 24.94 2.37
CA ALA B 166 -2.45 26.09 3.28
C ALA B 166 -3.30 25.83 4.52
N SER B 167 -4.47 25.21 4.35
CA SER B 167 -5.31 24.93 5.51
C SER B 167 -4.63 23.95 6.48
N TYR B 168 -3.86 22.99 5.95
CA TYR B 168 -3.12 22.09 6.84
C TYR B 168 -2.02 22.84 7.59
N CYS B 169 -1.24 23.67 6.88
CA CYS B 169 -0.23 24.48 7.56
C CYS B 169 -0.85 25.39 8.61
N ASP B 170 -2.05 25.90 8.33
CA ASP B 170 -2.77 26.72 9.30
C ASP B 170 -3.17 25.92 10.53
N LYS B 171 -3.59 24.67 10.34
CA LYS B 171 -3.83 23.81 11.51
C LYS B 171 -2.57 23.69 12.35
N VAL B 172 -1.42 23.53 11.71
CA VAL B 172 -0.18 23.40 12.46
C VAL B 172 0.06 24.65 13.30
N ALA B 173 -0.03 25.82 12.66
CA ALA B 173 0.19 27.09 13.34
C ALA B 173 -0.82 27.31 14.45
N ALA B 174 -2.07 26.96 14.22
CA ALA B 174 -3.10 27.12 15.25
C ALA B 174 -2.82 26.23 16.45
N ALA B 175 -2.38 24.98 16.21
CA ALA B 175 -2.18 24.05 17.31
C ALA B 175 -1.10 24.52 18.29
N ILE B 176 -0.09 25.21 17.81
CA ILE B 176 0.93 25.73 18.72
C ILE B 176 0.68 27.22 18.98
N MET C 1 12.58 -5.18 -0.81
CA MET C 1 12.63 -4.14 -1.83
C MET C 1 11.32 -3.35 -1.86
N LYS C 2 11.38 -2.10 -1.41
CA LYS C 2 10.20 -1.24 -1.33
C LYS C 2 9.53 -1.08 -2.69
N SER C 3 8.28 -1.54 -2.78
CA SER C 3 7.44 -1.34 -3.95
C SER C 3 6.00 -1.33 -3.49
N VAL C 4 5.07 -1.05 -4.41
CA VAL C 4 3.65 -1.09 -4.06
C VAL C 4 3.26 -2.47 -3.52
N ILE C 5 3.70 -3.51 -4.23
CA ILE C 5 3.33 -4.88 -3.87
C ILE C 5 3.88 -5.24 -2.50
N THR C 6 5.19 -5.05 -2.31
CA THR C 6 5.83 -5.45 -1.05
C THR C 6 5.29 -4.64 0.12
N THR C 7 5.02 -3.35 -0.08
CA THR C 7 4.47 -2.54 1.00
C THR C 7 3.12 -3.07 1.46
N THR C 8 2.21 -3.32 0.51
CA THR C 8 0.89 -3.81 0.89
C THR C 8 0.96 -5.22 1.50
N ILE C 9 1.78 -6.09 0.92
CA ILE C 9 1.91 -7.44 1.49
C ILE C 9 2.51 -7.38 2.89
N SER C 10 3.53 -6.55 3.12
CA SER C 10 4.11 -6.48 4.47
C SER C 10 3.08 -5.98 5.47
N ALA C 11 2.27 -4.99 5.07
CA ALA C 11 1.21 -4.52 5.96
C ALA C 11 0.24 -5.65 6.30
N ALA C 12 -0.23 -6.39 5.28
CA ALA C 12 -1.14 -7.50 5.56
C ALA C 12 -0.46 -8.55 6.43
N ASP C 13 0.80 -8.85 6.17
CA ASP C 13 1.52 -9.86 6.93
C ASP C 13 1.66 -9.45 8.39
N ALA C 14 1.98 -8.18 8.64
CA ALA C 14 2.11 -7.69 10.01
C ALA C 14 0.81 -7.85 10.78
N ALA C 15 -0.33 -7.76 10.10
CA ALA C 15 -1.61 -7.91 10.76
C ALA C 15 -2.14 -9.34 10.66
N GLY C 16 -1.35 -10.26 10.11
CA GLY C 16 -1.80 -11.62 9.86
C GLY C 16 -3.05 -11.75 9.00
N ARG C 17 -3.16 -10.93 7.96
CA ARG C 17 -4.36 -10.86 7.14
C ARG C 17 -4.12 -11.45 5.76
N PHE C 18 -5.16 -12.10 5.21
CA PHE C 18 -5.15 -12.38 3.79
C PHE C 18 -5.15 -11.08 2.99
N PRO C 19 -4.64 -11.08 1.76
CA PRO C 19 -4.95 -9.97 0.85
C PRO C 19 -6.46 -9.74 0.82
N SER C 20 -6.86 -8.46 0.91
CA SER C 20 -8.23 -8.02 0.76
C SER C 20 -8.29 -6.91 -0.30
N SER C 21 -9.47 -6.28 -0.43
CA SER C 21 -9.74 -5.36 -1.54
C SER C 21 -8.70 -4.26 -1.67
N SER C 22 -8.30 -3.65 -0.55
CA SER C 22 -7.33 -2.54 -0.61
C SER C 22 -5.98 -2.99 -1.19
N ASP C 23 -5.54 -4.21 -0.86
CA ASP C 23 -4.29 -4.73 -1.42
C ASP C 23 -4.39 -4.95 -2.93
N LEU C 24 -5.51 -5.51 -3.37
CA LEU C 24 -5.73 -5.69 -4.81
C LEU C 24 -5.76 -4.33 -5.54
N GLU C 25 -6.42 -3.33 -4.94
CA GLU C 25 -6.46 -1.98 -5.52
C GLU C 25 -5.06 -1.37 -5.66
N SER C 26 -4.23 -1.51 -4.62
CA SER C 26 -2.84 -1.03 -4.71
C SER C 26 -2.10 -1.63 -5.91
N VAL C 27 -2.21 -2.95 -6.06
CA VAL C 27 -1.56 -3.60 -7.21
C VAL C 27 -2.10 -3.03 -8.53
N GLN C 28 -3.41 -2.78 -8.59
CA GLN C 28 -4.00 -2.14 -9.78
C GLN C 28 -3.31 -0.82 -10.09
N GLY C 29 -2.98 -0.04 -9.06
CA GLY C 29 -2.23 1.19 -9.28
C GLY C 29 -0.88 0.94 -9.93
N ASN C 30 -0.19 -0.09 -9.45
CA ASN C 30 1.06 -0.45 -10.11
C ASN C 30 0.83 -0.75 -11.59
N ILE C 31 -0.26 -1.47 -11.89
CA ILE C 31 -0.58 -1.77 -13.28
C ILE C 31 -0.81 -0.50 -14.08
N GLN C 32 -1.50 0.48 -13.48
CA GLN C 32 -1.83 1.71 -14.21
C GLN C 32 -0.59 2.53 -14.53
N ARG C 33 0.35 2.61 -13.59
CA ARG C 33 1.54 3.44 -13.75
C ARG C 33 2.70 2.74 -14.46
N ALA C 34 2.55 1.42 -14.68
CA ALA C 34 3.59 0.60 -15.32
C ALA C 34 4.05 1.19 -16.65
N ALA C 35 3.13 1.68 -17.48
CA ALA C 35 3.51 2.10 -18.83
C ALA C 35 4.50 3.25 -18.79
N SER C 36 4.21 4.31 -18.03
CA SER C 36 5.13 5.43 -18.02
C SER C 36 6.47 5.05 -17.40
N ARG C 37 6.46 4.30 -16.29
CA ARG C 37 7.79 4.09 -15.69
C ARG C 37 8.62 3.05 -16.46
N LEU C 38 7.98 2.05 -17.08
CA LEU C 38 8.71 1.13 -17.94
C LEU C 38 9.24 1.83 -19.18
N GLU C 39 8.49 2.78 -19.74
CA GLU C 39 9.03 3.56 -20.85
C GLU C 39 10.30 4.28 -20.42
N ALA C 40 10.25 4.97 -19.27
CA ALA C 40 11.46 5.66 -18.80
C ALA C 40 12.61 4.68 -18.59
N ALA C 41 12.32 3.51 -18.02
CA ALA C 41 13.36 2.52 -17.79
C ALA C 41 14.00 2.05 -19.10
N GLU C 42 13.19 1.73 -20.11
CA GLU C 42 13.76 1.28 -21.38
C GLU C 42 14.54 2.39 -22.08
N LYS C 43 14.06 3.64 -22.03
CA LYS C 43 14.85 4.71 -22.63
C LYS C 43 16.18 4.87 -21.92
N LEU C 44 16.18 4.80 -20.59
CA LEU C 44 17.42 4.93 -19.85
C LEU C 44 18.38 3.79 -20.16
N ALA C 45 17.86 2.55 -20.22
CA ALA C 45 18.74 1.42 -20.47
C ALA C 45 19.29 1.42 -21.89
N GLY C 46 18.56 1.98 -22.84
CA GLY C 46 19.06 2.00 -24.20
C GLY C 46 20.04 3.11 -24.52
N ASN C 47 20.30 4.01 -23.57
CA ASN C 47 21.19 5.13 -23.88
C ASN C 47 21.98 5.58 -22.65
N HIS C 48 22.20 4.67 -21.69
CA HIS C 48 22.73 5.11 -20.41
C HIS C 48 24.17 5.58 -20.53
N GLU C 49 24.92 5.06 -21.49
CA GLU C 49 26.34 5.42 -21.62
C GLU C 49 26.50 6.92 -21.91
N ALA C 50 25.71 7.43 -22.85
CA ALA C 50 25.77 8.85 -23.18
C ALA C 50 25.26 9.71 -22.03
N VAL C 51 24.21 9.24 -21.35
CA VAL C 51 23.70 9.98 -20.19
C VAL C 51 24.78 10.07 -19.11
N VAL C 52 25.42 8.94 -18.80
CA VAL C 52 26.50 8.91 -17.79
C VAL C 52 27.64 9.84 -18.18
N LYS C 53 28.09 9.76 -19.43
CA LYS C 53 29.15 10.65 -19.89
C LYS C 53 28.79 12.12 -19.67
N GLU C 54 27.59 12.52 -20.12
CA GLU C 54 27.17 13.91 -19.97
C GLU C 54 27.13 14.33 -18.51
N ALA C 55 26.62 13.45 -17.64
CA ALA C 55 26.52 13.79 -16.22
C ALA C 55 27.90 13.97 -15.60
N GLY C 56 28.79 13.01 -15.79
CA GLY C 56 30.15 13.17 -15.27
C GLY C 56 30.84 14.41 -15.79
N ASP C 57 30.69 14.68 -17.10
CA ASP C 57 31.26 15.90 -17.67
C ASP C 57 30.72 17.14 -16.96
N ALA C 58 29.41 17.18 -16.70
CA ALA C 58 28.84 18.34 -16.02
C ALA C 58 29.37 18.46 -14.60
N CYS C 59 29.55 17.33 -13.91
CA CYS C 59 30.12 17.37 -12.57
C CYS C 59 31.49 18.03 -12.58
N PHE C 60 32.38 17.55 -13.45
CA PHE C 60 33.73 18.12 -13.45
C PHE C 60 33.78 19.51 -14.06
N ALA C 61 32.83 19.85 -14.93
CA ALA C 61 32.73 21.20 -15.44
C ALA C 61 32.31 22.18 -14.35
N LYS C 62 31.48 21.73 -13.41
CA LYS C 62 31.07 22.66 -12.36
C LYS C 62 32.14 22.78 -11.27
N TYR C 63 32.93 21.73 -11.04
CA TYR C 63 33.88 21.71 -9.93
C TYR C 63 35.22 21.22 -10.47
N SER C 64 35.89 22.10 -11.21
CA SER C 64 37.20 21.74 -11.73
C SER C 64 38.22 21.50 -10.62
N TYR C 65 38.00 22.09 -9.42
CA TYR C 65 38.92 21.91 -8.30
C TYR C 65 39.08 20.45 -7.92
N LEU C 66 38.14 19.58 -8.30
CA LEU C 66 38.24 18.16 -8.00
C LEU C 66 39.46 17.54 -8.65
N LYS C 67 40.00 18.17 -9.68
CA LYS C 67 41.18 17.63 -10.34
C LYS C 67 42.49 18.07 -9.71
N ASN C 68 42.43 18.93 -8.69
CA ASN C 68 43.64 19.35 -7.99
C ASN C 68 44.20 18.18 -7.18
N PRO C 69 45.53 18.12 -6.99
CA PRO C 69 46.11 17.04 -6.19
C PRO C 69 45.56 17.00 -4.78
N GLY C 70 45.33 15.78 -4.29
CA GLY C 70 44.69 15.57 -3.01
C GLY C 70 43.18 15.56 -3.06
N GLU C 71 42.59 15.93 -4.19
CA GLU C 71 41.14 15.96 -4.32
C GLU C 71 40.64 14.70 -5.02
N ALA C 72 39.31 14.54 -4.99
CA ALA C 72 38.66 13.30 -5.40
C ALA C 72 38.95 12.93 -6.86
N GLY C 73 39.25 13.89 -7.72
CA GLY C 73 39.54 13.50 -9.08
C GLY C 73 40.96 13.81 -9.50
N ASP C 74 41.95 13.59 -8.63
CA ASP C 74 43.32 14.00 -8.92
C ASP C 74 44.09 13.00 -9.77
N SER C 75 43.45 11.92 -10.20
CA SER C 75 44.08 10.95 -11.10
C SER C 75 43.05 10.45 -12.09
N GLN C 76 43.55 9.84 -13.17
CA GLN C 76 42.64 9.35 -14.20
C GLN C 76 41.78 8.20 -13.67
N GLU C 77 42.37 7.33 -12.85
CA GLU C 77 41.63 6.24 -12.22
C GLU C 77 40.50 6.75 -11.33
N LYS C 78 40.74 7.81 -10.57
CA LYS C 78 39.70 8.37 -9.71
C LYS C 78 38.59 9.04 -10.54
N ILE C 79 38.96 9.73 -11.63
CA ILE C 79 37.95 10.29 -12.53
C ILE C 79 37.07 9.18 -13.09
N ASN C 80 37.72 8.10 -13.56
CA ASN C 80 36.99 6.95 -14.08
C ASN C 80 36.05 6.37 -13.03
N LYS C 81 36.51 6.23 -11.79
CA LYS C 81 35.62 5.74 -10.74
C LYS C 81 34.44 6.68 -10.54
N CYS C 82 34.63 7.98 -10.70
CA CYS C 82 33.52 8.92 -10.58
C CYS C 82 32.43 8.63 -11.61
N TYR C 83 32.84 8.47 -12.87
CA TYR C 83 31.87 8.11 -13.91
C TYR C 83 31.23 6.76 -13.64
N ARG C 84 32.04 5.80 -13.18
CA ARG C 84 31.48 4.51 -12.78
C ARG C 84 30.39 4.66 -11.73
N ASP C 85 30.61 5.50 -10.72
CA ASP C 85 29.61 5.72 -9.68
C ASP C 85 28.32 6.27 -10.25
N ILE C 86 28.45 7.29 -11.12
CA ILE C 86 27.27 7.86 -11.76
C ILE C 86 26.51 6.79 -12.53
N ASP C 87 27.26 5.92 -13.22
CA ASP C 87 26.65 4.78 -13.91
C ASP C 87 25.89 3.88 -12.93
N HIS C 88 26.50 3.55 -11.79
CA HIS C 88 25.82 2.76 -10.75
C HIS C 88 24.50 3.39 -10.35
N TYR C 89 24.52 4.70 -10.09
CA TYR C 89 23.30 5.42 -9.71
C TYR C 89 22.24 5.34 -10.80
N MET C 90 22.63 5.58 -12.06
CA MET C 90 21.65 5.49 -13.15
C MET C 90 21.11 4.07 -13.27
N ARG C 91 21.95 3.07 -13.09
CA ARG C 91 21.47 1.69 -13.12
C ARG C 91 20.46 1.43 -12.01
N LEU C 92 20.73 1.96 -10.82
CA LEU C 92 19.76 1.85 -9.72
C LEU C 92 18.47 2.60 -10.01
N ILE C 93 18.55 3.76 -10.66
CA ILE C 93 17.35 4.48 -11.04
C ILE C 93 16.53 3.64 -12.03
N ASN C 94 17.22 3.02 -12.99
CA ASN C 94 16.57 2.10 -13.93
C ASN C 94 15.83 1.01 -13.14
N TYR C 95 16.48 0.47 -12.11
CA TYR C 95 15.85 -0.56 -11.26
C TYR C 95 14.63 -0.02 -10.52
N SER C 96 14.74 1.17 -9.94
CA SER C 96 13.62 1.79 -9.23
C SER C 96 12.44 2.01 -10.17
N LEU C 97 12.73 2.45 -11.40
CA LEU C 97 11.68 2.64 -12.40
C LEU C 97 11.03 1.31 -12.77
N VAL C 98 11.81 0.24 -12.85
CA VAL C 98 11.24 -1.07 -13.17
C VAL C 98 10.38 -1.57 -12.00
N VAL C 99 10.89 -1.46 -10.78
CA VAL C 99 10.22 -1.95 -9.58
C VAL C 99 9.01 -1.10 -9.24
N GLY C 100 9.03 0.19 -9.57
CA GLY C 100 7.96 1.08 -9.15
C GLY C 100 8.13 1.66 -7.76
N GLY C 101 9.29 1.45 -7.12
CA GLY C 101 9.57 2.01 -5.82
C GLY C 101 11.05 2.30 -5.70
N THR C 102 11.42 2.89 -4.57
CA THR C 102 12.79 3.36 -4.37
C THR C 102 13.68 2.32 -3.69
N GLY C 103 13.19 1.10 -3.48
CA GLY C 103 13.95 0.07 -2.80
C GLY C 103 15.36 -0.13 -3.30
N PRO C 104 15.54 -0.31 -4.62
CA PRO C 104 16.92 -0.54 -5.11
C PRO C 104 17.85 0.61 -4.81
N LEU C 105 17.38 1.84 -4.98
CA LEU C 105 18.17 2.99 -4.57
C LEU C 105 18.42 2.96 -3.07
N ASP C 106 17.36 2.74 -2.28
CA ASP C 106 17.52 2.83 -0.82
C ASP C 106 18.54 1.82 -0.31
N GLU C 107 18.49 0.60 -0.84
CA GLU C 107 19.29 -0.45 -0.25
C GLU C 107 20.67 -0.55 -0.88
N TRP C 108 20.81 -0.19 -2.14
CA TRP C 108 22.06 -0.42 -2.83
C TRP C 108 22.86 0.85 -3.08
N CYS C 109 22.24 2.03 -2.94
CA CYS C 109 23.06 3.24 -3.11
C CYS C 109 22.99 4.20 -1.95
N ILE C 110 21.82 4.36 -1.32
CA ILE C 110 21.67 5.40 -0.32
C ILE C 110 22.22 4.94 1.02
N ALA C 111 21.81 3.75 1.46
CA ALA C 111 22.23 3.22 2.73
C ALA C 111 23.75 3.21 2.81
N GLY C 112 24.29 3.88 3.83
CA GLY C 112 25.71 3.96 4.09
C GLY C 112 26.48 4.92 3.20
N ALA C 113 25.82 5.56 2.23
CA ALA C 113 26.55 6.43 1.30
C ALA C 113 27.25 7.57 2.02
N ARG C 114 26.63 8.13 3.05
CA ARG C 114 27.19 9.29 3.75
C ARG C 114 28.51 8.96 4.42
N GLU C 115 28.55 7.84 5.15
CA GLU C 115 29.77 7.38 5.80
C GLU C 115 30.86 7.09 4.78
N VAL C 116 30.49 6.46 3.66
CA VAL C 116 31.49 6.15 2.64
C VAL C 116 32.08 7.43 2.07
N TYR C 117 31.21 8.35 1.65
CA TYR C 117 31.67 9.55 0.96
C TYR C 117 32.47 10.45 1.91
N ARG C 118 32.17 10.40 3.20
CA ARG C 118 32.95 11.21 4.12
C ARG C 118 34.32 10.59 4.37
N THR C 119 34.40 9.25 4.54
CA THR C 119 35.74 8.68 4.70
C THR C 119 36.59 8.74 3.43
N LEU C 120 35.96 8.82 2.25
CA LEU C 120 36.70 8.85 0.99
C LEU C 120 36.83 10.26 0.42
N ASN C 121 36.40 11.28 1.17
CA ASN C 121 36.55 12.68 0.77
C ASN C 121 35.85 12.96 -0.57
N LEU C 122 34.65 12.40 -0.75
CA LEU C 122 33.86 12.61 -1.95
C LEU C 122 32.77 13.64 -1.64
N PRO C 123 32.87 14.87 -2.16
CA PRO C 123 31.87 15.88 -1.81
C PRO C 123 30.51 15.54 -2.39
N SER C 124 29.49 15.56 -1.54
CA SER C 124 28.13 15.23 -2.00
C SER C 124 27.66 16.16 -3.12
N SER C 125 28.10 17.42 -3.10
CA SER C 125 27.63 18.37 -4.10
C SER C 125 28.01 17.94 -5.53
N SER C 126 29.08 17.16 -5.70
CA SER C 126 29.47 16.72 -7.04
C SER C 126 28.46 15.74 -7.63
N TYR C 127 28.09 14.72 -6.85
CA TYR C 127 27.02 13.82 -7.26
C TYR C 127 25.73 14.60 -7.51
N VAL C 128 25.40 15.54 -6.63
CA VAL C 128 24.19 16.32 -6.82
C VAL C 128 24.25 17.08 -8.15
N ALA C 129 25.43 17.60 -8.50
CA ALA C 129 25.56 18.32 -9.77
C ALA C 129 25.29 17.40 -10.95
N ALA C 130 25.79 16.16 -10.87
CA ALA C 130 25.55 15.22 -11.96
C ALA C 130 24.06 14.93 -12.12
N PHE C 131 23.35 14.75 -11.01
CA PHE C 131 21.94 14.39 -11.08
C PHE C 131 21.07 15.58 -11.44
N VAL C 132 21.42 16.77 -10.95
CA VAL C 132 20.69 17.98 -11.34
C VAL C 132 20.84 18.21 -12.83
N PHE C 133 22.08 18.10 -13.34
CA PHE C 133 22.30 18.22 -14.78
C PHE C 133 21.42 17.25 -15.54
N THR C 134 21.43 15.98 -15.17
CA THR C 134 20.64 14.98 -15.89
C THR C 134 19.15 15.32 -15.85
N ARG C 135 18.64 15.72 -14.68
CA ARG C 135 17.24 16.07 -14.58
C ARG C 135 16.89 17.25 -15.50
N ASP C 136 17.71 18.29 -15.49
CA ASP C 136 17.42 19.46 -16.30
C ASP C 136 17.65 19.22 -17.80
N ARG C 137 18.48 18.24 -18.14
CA ARG C 137 18.78 17.96 -19.55
C ARG C 137 17.65 17.21 -20.23
N LEU C 138 16.84 16.46 -19.47
CA LEU C 138 15.72 15.70 -20.01
C LEU C 138 14.85 16.56 -20.90
N CYS C 139 14.54 16.06 -22.09
CA CYS C 139 13.76 16.81 -23.06
C CYS C 139 12.52 16.03 -23.48
N VAL C 140 11.34 16.65 -23.38
CA VAL C 140 10.06 16.03 -23.65
C VAL C 140 9.43 16.73 -24.84
N PRO C 141 8.98 16.00 -25.89
CA PRO C 141 8.94 14.54 -26.00
C PRO C 141 10.16 13.91 -26.66
N ARG C 142 11.20 14.71 -26.90
CA ARG C 142 12.39 14.21 -27.60
C ARG C 142 12.94 12.94 -26.95
N ASP C 143 13.06 12.94 -25.62
CA ASP C 143 13.71 11.83 -24.93
C ASP C 143 12.70 10.79 -24.46
N MET C 144 11.53 11.23 -24.00
CA MET C 144 10.49 10.32 -23.56
C MET C 144 9.19 11.10 -23.44
N SER C 145 8.12 10.38 -23.13
CA SER C 145 6.81 11.00 -22.94
C SER C 145 6.78 11.77 -21.62
N ALA C 146 5.77 12.65 -21.50
CA ALA C 146 5.65 13.50 -20.31
C ALA C 146 5.60 12.66 -19.02
N GLN C 147 4.69 11.69 -18.94
CA GLN C 147 4.56 10.91 -17.72
C GLN C 147 5.80 10.04 -17.46
N ALA C 148 6.45 9.53 -18.51
CA ALA C 148 7.75 8.88 -18.33
C ALA C 148 8.76 9.85 -17.71
N GLY C 149 8.76 11.10 -18.18
CA GLY C 149 9.64 12.10 -17.59
C GLY C 149 9.31 12.40 -16.14
N VAL C 150 8.02 12.39 -15.78
CA VAL C 150 7.66 12.60 -14.38
C VAL C 150 8.29 11.52 -13.50
N GLU C 151 8.23 10.27 -13.96
CA GLU C 151 8.81 9.14 -13.21
C GLU C 151 10.34 9.23 -13.15
N TYR C 152 10.97 9.53 -14.27
CA TYR C 152 12.42 9.65 -14.32
C TYR C 152 12.91 10.80 -13.42
N GLY C 153 12.27 11.96 -13.55
CA GLY C 153 12.62 13.09 -12.71
C GLY C 153 12.36 12.81 -11.24
N ALA C 154 11.28 12.09 -10.92
CA ALA C 154 11.01 11.78 -9.53
C ALA C 154 12.12 10.92 -8.93
N ALA C 155 12.59 9.91 -9.67
CA ALA C 155 13.71 9.11 -9.17
C ALA C 155 14.96 9.97 -8.95
N LEU C 156 15.28 10.84 -9.91
CA LEU C 156 16.43 11.72 -9.77
C LEU C 156 16.29 12.64 -8.56
N ASP C 157 15.11 13.23 -8.39
CA ASP C 157 14.86 14.09 -7.22
C ASP C 157 14.98 13.31 -5.92
N TYR C 158 14.52 12.06 -5.90
CA TYR C 158 14.66 11.26 -4.69
C TYR C 158 16.14 11.07 -4.36
N VAL C 159 16.94 10.79 -5.39
CA VAL C 159 18.38 10.63 -5.17
C VAL C 159 18.99 11.93 -4.65
N ILE C 160 18.67 13.05 -5.31
CA ILE C 160 19.23 14.35 -4.89
C ILE C 160 18.85 14.64 -3.44
N ASN C 161 17.58 14.46 -3.09
CA ASN C 161 17.13 14.75 -1.74
C ASN C 161 17.84 13.86 -0.72
N SER C 162 18.16 12.60 -1.10
CA SER C 162 18.92 11.73 -0.21
C SER C 162 20.33 12.25 0.05
N LEU C 163 20.89 13.06 -0.84
CA LEU C 163 22.21 13.63 -0.63
C LEU C 163 22.19 15.01 0.03
N CYS C 164 21.02 15.53 0.38
CA CYS C 164 20.92 16.83 1.03
C CYS C 164 20.62 16.73 2.52
N MET D 1 11.38 -9.01 1.11
CA MET D 1 10.72 -9.85 0.12
C MET D 1 10.86 -9.24 -1.26
N LEU D 2 10.73 -10.09 -2.28
CA LEU D 2 10.78 -9.67 -3.66
C LEU D 2 9.43 -9.92 -4.32
N ASP D 3 9.10 -9.09 -5.30
CA ASP D 3 8.01 -9.35 -6.24
C ASP D 3 8.63 -9.70 -7.58
N ALA D 4 7.78 -9.93 -8.58
CA ALA D 4 8.27 -10.28 -9.91
C ALA D 4 9.24 -9.22 -10.45
N PHE D 5 8.96 -7.95 -10.17
CA PHE D 5 9.78 -6.88 -10.72
C PHE D 5 11.14 -6.83 -10.05
N SER D 6 11.14 -6.86 -8.72
CA SER D 6 12.40 -6.87 -8.00
C SER D 6 13.18 -8.16 -8.22
N ARG D 7 12.51 -9.29 -8.50
CA ARG D 7 13.25 -10.49 -8.90
C ARG D 7 14.04 -10.22 -10.18
N VAL D 8 13.39 -9.60 -11.17
CA VAL D 8 14.13 -9.27 -12.39
C VAL D 8 15.31 -8.35 -12.05
N VAL D 9 15.08 -7.39 -11.17
CA VAL D 9 16.12 -6.41 -10.82
C VAL D 9 17.29 -7.09 -10.11
N VAL D 10 17.02 -7.98 -9.16
CA VAL D 10 18.09 -8.70 -8.47
C VAL D 10 18.91 -9.52 -9.48
N ASN D 11 18.24 -10.25 -10.37
CA ASN D 11 18.97 -11.00 -11.39
C ASN D 11 19.81 -10.07 -12.29
N SER D 12 19.26 -8.92 -12.71
CA SER D 12 20.04 -7.99 -13.53
C SER D 12 21.25 -7.45 -12.76
N ASP D 13 21.04 -7.14 -11.48
CA ASP D 13 22.12 -6.61 -10.65
C ASP D 13 23.28 -7.57 -10.53
N SER D 14 22.99 -8.88 -10.49
CA SER D 14 24.09 -9.84 -10.43
C SER D 14 25.10 -9.64 -11.57
N LYS D 15 24.70 -9.03 -12.69
CA LYS D 15 25.62 -8.78 -13.81
C LYS D 15 25.93 -7.31 -14.01
N ALA D 16 25.59 -6.44 -13.04
CA ALA D 16 25.69 -4.99 -13.19
C ALA D 16 25.07 -4.53 -14.52
N ALA D 17 23.89 -5.06 -14.83
CA ALA D 17 23.21 -4.75 -16.07
C ALA D 17 21.94 -3.95 -15.83
N TYR D 18 21.64 -3.09 -16.79
CA TYR D 18 20.33 -2.48 -16.87
C TYR D 18 19.35 -3.56 -17.32
N VAL D 19 18.08 -3.39 -16.95
CA VAL D 19 17.10 -4.43 -17.25
C VAL D 19 17.02 -4.62 -18.77
N GLY D 20 17.26 -5.86 -19.22
CA GLY D 20 17.28 -6.15 -20.64
C GLY D 20 15.91 -6.05 -21.27
N GLY D 21 15.89 -5.77 -22.58
CA GLY D 21 14.63 -5.71 -23.31
C GLY D 21 13.81 -6.98 -23.16
N SER D 22 14.46 -8.13 -23.12
CA SER D 22 13.76 -9.41 -22.91
C SER D 22 13.03 -9.46 -21.57
N ASP D 23 13.72 -9.02 -20.50
CA ASP D 23 13.09 -8.94 -19.19
C ASP D 23 11.95 -7.93 -19.19
N LEU D 24 12.14 -6.79 -19.84
CA LEU D 24 11.06 -5.81 -19.92
C LEU D 24 9.82 -6.42 -20.57
N GLN D 25 10.02 -7.18 -21.64
CA GLN D 25 8.91 -7.87 -22.30
C GLN D 25 8.18 -8.81 -21.35
N ALA D 26 8.93 -9.65 -20.62
CA ALA D 26 8.29 -10.55 -19.66
C ALA D 26 7.51 -9.77 -18.60
N LEU D 27 8.08 -8.69 -18.08
CA LEU D 27 7.36 -7.91 -17.07
C LEU D 27 6.10 -7.27 -17.64
N LYS D 28 6.14 -6.86 -18.91
CA LYS D 28 4.94 -6.33 -19.53
C LYS D 28 3.87 -7.41 -19.68
N THR D 29 4.28 -8.66 -19.92
CA THR D 29 3.32 -9.75 -19.90
C THR D 29 2.70 -9.88 -18.53
N PHE D 30 3.53 -9.82 -17.49
CA PHE D 30 3.00 -9.79 -16.12
C PHE D 30 1.97 -8.68 -15.93
N ILE D 31 2.25 -7.49 -16.47
CA ILE D 31 1.31 -6.38 -16.34
C ILE D 31 0.00 -6.70 -17.07
N ALA D 32 0.12 -7.20 -18.31
CA ALA D 32 -1.05 -7.50 -19.13
C ALA D 32 -1.98 -8.51 -18.47
N ASP D 33 -1.42 -9.48 -17.74
CA ASP D 33 -2.19 -10.47 -17.00
C ASP D 33 -2.49 -10.02 -15.56
N GLY D 34 -2.34 -8.72 -15.29
CA GLY D 34 -2.54 -8.23 -13.93
C GLY D 34 -3.94 -8.46 -13.41
N ASN D 35 -4.96 -8.14 -14.21
CA ASN D 35 -6.33 -8.31 -13.73
C ASN D 35 -6.64 -9.78 -13.46
N LYS D 36 -6.15 -10.66 -14.32
CA LYS D 36 -6.30 -12.09 -14.07
C LYS D 36 -5.67 -12.49 -12.76
N ARG D 37 -4.46 -11.97 -12.48
CA ARG D 37 -3.81 -12.27 -11.22
C ARG D 37 -4.67 -11.81 -10.06
N LEU D 38 -5.29 -10.64 -10.17
CA LEU D 38 -6.10 -10.14 -9.06
C LEU D 38 -7.35 -11.00 -8.88
N ASP D 39 -7.94 -11.47 -9.98
CA ASP D 39 -9.05 -12.42 -9.86
C ASP D 39 -8.62 -13.72 -9.18
N ALA D 40 -7.43 -14.22 -9.53
CA ALA D 40 -6.89 -15.45 -8.94
C ALA D 40 -6.80 -15.32 -7.42
N VAL D 41 -6.19 -14.22 -6.96
CA VAL D 41 -6.06 -14.00 -5.52
C VAL D 41 -7.45 -13.88 -4.87
N ASN D 42 -8.35 -13.13 -5.52
CA ASN D 42 -9.70 -12.97 -4.99
C ASN D 42 -10.40 -14.32 -4.81
N SER D 43 -10.27 -15.19 -5.80
CA SER D 43 -10.91 -16.50 -5.75
C SER D 43 -10.34 -17.36 -4.63
N ILE D 44 -9.05 -17.21 -4.31
CA ILE D 44 -8.55 -17.96 -3.15
C ILE D 44 -9.01 -17.34 -1.82
N VAL D 45 -8.85 -16.03 -1.66
CA VAL D 45 -9.09 -15.43 -0.33
C VAL D 45 -10.57 -15.46 0.00
N SER D 46 -11.44 -15.39 -1.01
CA SER D 46 -12.88 -15.42 -0.74
C SER D 46 -13.38 -16.79 -0.33
N ASN D 47 -12.56 -17.84 -0.44
CA ASN D 47 -12.91 -19.20 -0.07
C ASN D 47 -11.87 -19.83 0.86
N ALA D 48 -11.06 -18.99 1.52
CA ALA D 48 -9.96 -19.47 2.35
C ALA D 48 -10.42 -20.42 3.47
N SER D 49 -11.50 -20.06 4.18
CA SER D 49 -12.00 -20.92 5.24
C SER D 49 -12.35 -22.31 4.74
N CYS D 50 -13.12 -22.35 3.65
CA CYS D 50 -13.51 -23.59 3.01
C CYS D 50 -12.28 -24.43 2.60
N ILE D 51 -11.30 -23.80 1.95
CA ILE D 51 -10.08 -24.50 1.54
C ILE D 51 -9.39 -25.13 2.74
N VAL D 52 -9.20 -24.35 3.81
CA VAL D 52 -8.43 -24.83 4.96
C VAL D 52 -9.18 -25.95 5.68
N SER D 53 -10.47 -25.74 5.98
CA SER D 53 -11.20 -26.74 6.75
C SER D 53 -11.41 -28.02 5.93
N ASP D 54 -11.64 -27.89 4.64
CA ASP D 54 -11.75 -29.09 3.82
C ASP D 54 -10.42 -29.84 3.77
N ALA D 55 -9.28 -29.13 3.74
CA ALA D 55 -8.00 -29.84 3.66
C ALA D 55 -7.64 -30.54 4.96
N VAL D 56 -7.82 -29.86 6.09
CA VAL D 56 -7.54 -30.51 7.38
C VAL D 56 -8.48 -31.69 7.60
N SER D 57 -9.76 -31.50 7.27
CA SER D 57 -10.73 -32.58 7.38
C SER D 57 -10.37 -33.77 6.49
N GLY D 58 -9.93 -33.51 5.26
CA GLY D 58 -9.50 -34.61 4.38
C GLY D 58 -8.29 -35.34 4.93
N MET D 59 -7.28 -34.58 5.35
CA MET D 59 -6.10 -35.18 5.98
C MET D 59 -6.50 -36.12 7.11
N ILE D 60 -7.49 -35.71 7.90
CA ILE D 60 -7.91 -36.51 9.06
C ILE D 60 -8.72 -37.74 8.63
N CYS D 61 -9.67 -37.57 7.70
CA CYS D 61 -10.50 -38.70 7.31
C CYS D 61 -9.69 -39.74 6.53
N GLU D 62 -8.55 -39.35 5.97
CA GLU D 62 -7.65 -40.33 5.37
C GLU D 62 -6.72 -40.98 6.38
N ASN D 63 -6.51 -40.36 7.56
CA ASN D 63 -5.60 -40.88 8.58
C ASN D 63 -6.22 -40.63 9.95
N PRO D 64 -7.21 -41.42 10.34
CA PRO D 64 -7.95 -41.12 11.58
C PRO D 64 -7.09 -41.26 12.83
N GLY D 65 -5.95 -41.93 12.75
CA GLY D 65 -4.99 -41.95 13.85
C GLY D 65 -4.59 -40.57 14.32
N LEU D 66 -4.73 -39.56 13.44
CA LEU D 66 -4.42 -38.19 13.84
C LEU D 66 -5.30 -37.71 15.00
N ILE D 67 -6.51 -38.26 15.13
CA ILE D 67 -7.44 -37.80 16.16
C ILE D 67 -7.61 -38.83 17.26
N ALA D 68 -6.82 -39.91 17.23
CA ALA D 68 -6.75 -40.84 18.34
C ALA D 68 -5.86 -40.28 19.44
N PRO D 69 -6.02 -40.77 20.67
CA PRO D 69 -5.08 -40.41 21.73
C PRO D 69 -3.66 -40.61 21.26
N GLY D 70 -2.83 -39.60 21.45
CA GLY D 70 -1.50 -39.60 20.89
C GLY D 70 -1.41 -39.00 19.50
N GLY D 71 -2.53 -38.92 18.78
CA GLY D 71 -2.52 -38.28 17.49
C GLY D 71 -2.23 -36.79 17.58
N ASN D 72 -1.55 -36.27 16.57
CA ASN D 72 -1.15 -34.87 16.61
C ASN D 72 -2.29 -33.89 16.37
N CYS D 73 -3.50 -34.36 16.04
CA CYS D 73 -4.68 -33.50 16.03
C CYS D 73 -5.62 -33.78 17.19
N TYR D 74 -5.17 -34.53 18.19
CA TYR D 74 -6.02 -34.91 19.31
C TYR D 74 -6.04 -33.80 20.35
N THR D 75 -7.23 -33.54 20.91
CA THR D 75 -7.62 -32.42 21.77
C THR D 75 -7.93 -31.21 20.90
N ASN D 76 -8.73 -30.27 21.41
CA ASN D 76 -9.09 -29.09 20.65
C ASN D 76 -7.90 -28.18 20.42
N ARG D 77 -7.01 -28.11 21.41
CA ARG D 77 -5.80 -27.29 21.29
C ARG D 77 -5.01 -27.65 20.03
N ARG D 78 -4.82 -28.95 19.81
CA ARG D 78 -4.01 -29.38 18.67
C ARG D 78 -4.75 -29.21 17.35
N MET D 79 -6.04 -29.54 17.31
CA MET D 79 -6.81 -29.33 16.08
C MET D 79 -6.82 -27.85 15.70
N ALA D 80 -6.98 -26.97 16.68
CA ALA D 80 -6.98 -25.53 16.41
C ALA D 80 -5.62 -25.07 15.91
N ALA D 81 -4.53 -25.55 16.52
CA ALA D 81 -3.21 -25.20 16.01
C ALA D 81 -3.02 -25.68 14.57
N CYS D 82 -3.59 -26.84 14.24
CA CYS D 82 -3.40 -27.37 12.89
C CYS D 82 -4.23 -26.59 11.85
N LEU D 83 -5.46 -26.20 12.23
CA LEU D 83 -6.26 -25.33 11.36
C LEU D 83 -5.58 -23.97 11.19
N ARG D 84 -4.95 -23.46 12.27
CA ARG D 84 -4.22 -22.20 12.19
C ARG D 84 -3.03 -22.32 11.23
N ASP D 85 -2.28 -23.42 11.31
CA ASP D 85 -1.15 -23.63 10.38
C ASP D 85 -1.64 -23.72 8.94
N GLY D 86 -2.72 -24.46 8.70
CA GLY D 86 -3.27 -24.49 7.36
C GLY D 86 -3.62 -23.11 6.82
N GLU D 87 -4.26 -22.28 7.67
CA GLU D 87 -4.60 -20.93 7.25
C GLU D 87 -3.35 -20.10 6.98
N ILE D 88 -2.37 -20.16 7.88
CA ILE D 88 -1.14 -19.39 7.68
C ILE D 88 -0.47 -19.78 6.36
N ILE D 89 -0.37 -21.08 6.09
CA ILE D 89 0.29 -21.52 4.86
C ILE D 89 -0.47 -21.00 3.64
N LEU D 90 -1.80 -21.16 3.64
CA LEU D 90 -2.58 -20.63 2.51
C LEU D 90 -2.41 -19.11 2.37
N ARG D 91 -2.29 -18.41 3.49
CA ARG D 91 -2.09 -16.96 3.47
C ARG D 91 -0.78 -16.59 2.77
N TYR D 92 0.30 -17.29 3.13
CA TYR D 92 1.58 -16.99 2.50
C TYR D 92 1.58 -17.38 1.02
N THR D 93 0.90 -18.47 0.67
CA THR D 93 0.71 -18.82 -0.73
C THR D 93 -0.04 -17.72 -1.48
N SER D 94 -1.08 -17.15 -0.86
CA SER D 94 -1.79 -16.04 -1.49
C SER D 94 -0.88 -14.83 -1.67
N TYR D 95 0.04 -14.60 -0.73
CA TYR D 95 1.02 -13.52 -0.89
C TYR D 95 1.95 -13.78 -2.07
N ALA D 96 2.43 -15.02 -2.18
CA ALA D 96 3.28 -15.41 -3.30
C ALA D 96 2.56 -15.23 -4.63
N LEU D 97 1.29 -15.61 -4.69
CA LEU D 97 0.51 -15.42 -5.92
C LEU D 97 0.31 -13.94 -6.22
N LEU D 98 0.06 -13.13 -5.19
CA LEU D 98 -0.14 -11.70 -5.42
C LEU D 98 1.14 -11.04 -5.91
N ALA D 99 2.28 -11.45 -5.34
CA ALA D 99 3.59 -10.90 -5.63
C ALA D 99 4.21 -11.44 -6.91
N GLY D 100 3.76 -12.60 -7.38
CA GLY D 100 4.42 -13.25 -8.51
C GLY D 100 5.79 -13.80 -8.16
N ASP D 101 6.08 -13.97 -6.88
CA ASP D 101 7.39 -14.47 -6.48
C ASP D 101 7.26 -15.25 -5.19
N SER D 102 8.05 -16.30 -5.06
CA SER D 102 7.91 -17.16 -3.89
C SER D 102 8.78 -16.71 -2.72
N SER D 103 9.48 -15.58 -2.83
CA SER D 103 10.38 -15.15 -1.75
C SER D 103 9.63 -14.92 -0.43
N VAL D 104 8.46 -14.29 -0.47
CA VAL D 104 7.73 -14.07 0.78
C VAL D 104 7.42 -15.39 1.46
N LEU D 105 7.00 -16.39 0.68
CA LEU D 105 6.65 -17.70 1.23
C LEU D 105 7.89 -18.39 1.80
N GLU D 106 8.99 -18.37 1.06
CA GLU D 106 10.21 -19.03 1.50
C GLU D 106 10.77 -18.38 2.76
N ASP D 107 10.78 -17.04 2.81
CA ASP D 107 11.50 -16.35 3.88
C ASP D 107 10.66 -16.22 5.16
N ARG D 108 9.37 -15.92 5.04
CA ARG D 108 8.59 -15.64 6.23
C ARG D 108 7.75 -16.82 6.69
N CYS D 109 7.76 -17.93 5.95
CA CYS D 109 6.92 -19.04 6.33
C CYS D 109 7.73 -20.32 6.38
N LEU D 110 8.46 -20.61 5.32
CA LEU D 110 9.06 -21.94 5.18
C LEU D 110 10.41 -22.07 5.89
N ASN D 111 11.11 -20.97 6.12
CA ASN D 111 12.44 -21.01 6.74
C ASN D 111 12.35 -21.49 8.18
N GLY D 112 12.87 -22.68 8.44
CA GLY D 112 12.85 -23.25 9.77
C GLY D 112 11.62 -24.08 10.09
N LEU D 113 10.63 -24.12 9.18
CA LEU D 113 9.40 -24.86 9.45
C LEU D 113 9.68 -26.33 9.66
N LYS D 114 10.47 -26.95 8.78
CA LYS D 114 10.81 -28.36 8.93
C LYS D 114 11.43 -28.63 10.31
N GLU D 115 12.42 -27.83 10.69
CA GLU D 115 13.05 -27.93 12.01
C GLU D 115 12.03 -27.80 13.13
N THR D 116 11.16 -26.80 13.02
CA THR D 116 10.11 -26.58 14.00
C THR D 116 9.20 -27.80 14.14
N TYR D 117 8.72 -28.35 13.01
CA TYR D 117 7.80 -29.49 13.08
C TYR D 117 8.48 -30.73 13.63
N ILE D 118 9.77 -30.93 13.29
CA ILE D 118 10.53 -32.02 13.91
C ILE D 118 10.59 -31.82 15.43
N ALA D 119 10.90 -30.59 15.87
CA ALA D 119 10.94 -30.33 17.31
C ALA D 119 9.60 -30.63 17.98
N LEU D 120 8.50 -30.20 17.38
CA LEU D 120 7.18 -30.36 18.01
C LEU D 120 6.62 -31.76 17.88
N GLY D 121 7.08 -32.54 16.90
CA GLY D 121 6.45 -33.81 16.60
C GLY D 121 5.30 -33.72 15.63
N VAL D 122 5.18 -32.63 14.88
CA VAL D 122 4.13 -32.53 13.87
C VAL D 122 4.52 -33.45 12.73
N PRO D 123 3.65 -34.39 12.34
CA PRO D 123 3.98 -35.34 11.25
C PRO D 123 4.07 -34.64 9.91
N THR D 124 5.23 -34.80 9.26
CA THR D 124 5.45 -34.16 7.95
C THR D 124 4.58 -34.77 6.86
N ASN D 125 4.37 -36.09 6.89
CA ASN D 125 3.55 -36.72 5.85
C ASN D 125 2.10 -36.19 5.88
N SER D 126 1.53 -36.08 7.09
CA SER D 126 0.17 -35.54 7.18
C SER D 126 0.12 -34.09 6.74
N SER D 127 1.15 -33.31 7.07
CA SER D 127 1.21 -31.93 6.64
C SER D 127 1.21 -31.82 5.12
N VAL D 128 2.09 -32.59 4.46
CA VAL D 128 2.10 -32.52 3.00
C VAL D 128 0.75 -32.92 2.43
N ARG D 129 0.07 -33.88 3.06
CA ARG D 129 -1.24 -34.25 2.51
C ARG D 129 -2.24 -33.10 2.63
N ALA D 130 -2.28 -32.42 3.78
CA ALA D 130 -3.17 -31.26 3.90
C ALA D 130 -2.84 -30.21 2.85
N VAL D 131 -1.54 -29.96 2.67
CA VAL D 131 -1.11 -28.95 1.71
C VAL D 131 -1.47 -29.35 0.29
N SER D 132 -1.35 -30.65 -0.04
CA SER D 132 -1.69 -31.09 -1.39
C SER D 132 -3.20 -31.01 -1.65
N ILE D 133 -4.01 -31.18 -0.60
CA ILE D 133 -5.45 -30.97 -0.76
C ILE D 133 -5.76 -29.50 -1.00
N MET D 134 -5.15 -28.62 -0.20
CA MET D 134 -5.31 -27.19 -0.44
C MET D 134 -4.86 -26.82 -1.84
N LYS D 135 -3.78 -27.44 -2.33
CA LYS D 135 -3.33 -27.18 -3.69
C LYS D 135 -4.44 -27.47 -4.69
N SER D 136 -5.03 -28.67 -4.61
CA SER D 136 -6.11 -29.00 -5.54
C SER D 136 -7.29 -28.03 -5.41
N ALA D 137 -7.69 -27.73 -4.17
CA ALA D 137 -8.81 -26.82 -3.92
C ALA D 137 -8.54 -25.43 -4.48
N ALA D 138 -7.37 -24.86 -4.14
CA ALA D 138 -6.98 -23.54 -4.59
C ALA D 138 -6.92 -23.46 -6.11
N VAL D 139 -6.29 -24.44 -6.77
CA VAL D 139 -6.27 -24.46 -8.23
C VAL D 139 -7.68 -24.49 -8.79
N ALA D 140 -8.56 -25.31 -8.21
CA ALA D 140 -9.94 -25.34 -8.67
C ALA D 140 -10.58 -23.96 -8.55
N PHE D 141 -10.36 -23.26 -7.43
CA PHE D 141 -10.98 -21.94 -7.30
C PHE D 141 -10.38 -20.95 -8.30
N ILE D 142 -9.07 -21.08 -8.58
CA ILE D 142 -8.45 -20.23 -9.59
C ILE D 142 -9.12 -20.45 -10.95
N SER D 143 -9.31 -21.72 -11.32
CA SER D 143 -9.88 -22.08 -12.62
C SER D 143 -11.41 -22.04 -12.61
N ASN D 144 -12.03 -21.65 -11.50
CA ASN D 144 -13.49 -21.59 -11.36
C ASN D 144 -14.13 -22.95 -11.68
N THR D 145 -13.51 -24.03 -11.20
CA THR D 145 -14.03 -25.38 -11.38
C THR D 145 -14.38 -26.04 -10.05
N ALA D 146 -14.43 -25.27 -8.96
CA ALA D 146 -14.96 -25.79 -7.70
C ALA D 146 -16.40 -26.25 -7.90
N SER D 147 -16.70 -27.45 -7.40
CA SER D 147 -18.00 -28.08 -7.60
C SER D 147 -19.14 -27.28 -7.01
N GLN D 148 -18.94 -26.78 -5.78
CA GLN D 148 -20.03 -26.22 -4.97
C GLN D 148 -20.12 -24.71 -4.99
N ARG D 149 -19.06 -24.00 -5.38
CA ARG D 149 -19.16 -22.56 -5.57
C ARG D 149 -18.50 -22.13 -6.87
N LYS D 150 -19.17 -21.27 -7.62
CA LYS D 150 -18.58 -20.59 -8.77
C LYS D 150 -18.48 -19.11 -8.48
N MET D 151 -17.49 -18.48 -9.09
CA MET D 151 -17.32 -17.04 -9.03
C MET D 151 -17.18 -16.53 -10.44
N ALA D 152 -18.09 -15.66 -10.83
CA ALA D 152 -18.18 -15.24 -12.22
C ALA D 152 -16.98 -14.37 -12.59
N THR D 153 -16.31 -14.74 -13.68
CA THR D 153 -15.28 -13.91 -14.30
C THR D 153 -15.50 -13.86 -15.80
N THR D 154 -14.89 -12.88 -16.44
CA THR D 154 -14.83 -12.93 -17.90
C THR D 154 -13.96 -14.11 -18.31
N ASP D 155 -14.41 -14.82 -19.33
CA ASP D 155 -13.78 -16.09 -19.71
C ASP D 155 -12.38 -15.88 -20.24
N GLY D 156 -11.47 -16.76 -19.84
CA GLY D 156 -10.13 -16.75 -20.42
C GLY D 156 -9.19 -17.76 -19.78
N ASP D 157 -7.89 -17.51 -20.00
CA ASP D 157 -6.83 -18.48 -19.79
C ASP D 157 -5.99 -18.06 -18.59
N CYS D 158 -6.11 -18.82 -17.52
CA CYS D 158 -5.41 -18.59 -16.26
C CYS D 158 -4.45 -19.73 -15.95
N SER D 159 -3.98 -20.42 -17.02
CA SER D 159 -3.08 -21.55 -16.83
C SER D 159 -1.83 -21.15 -16.07
N ALA D 160 -1.25 -20.01 -16.44
CA ALA D 160 -0.02 -19.54 -15.79
C ALA D 160 -0.24 -19.33 -14.29
N LEU D 161 -1.39 -18.78 -13.90
CA LEU D 161 -1.64 -18.54 -12.48
C LEU D 161 -1.90 -19.85 -11.71
N SER D 162 -2.67 -20.77 -12.29
CA SER D 162 -2.91 -22.05 -11.60
C SER D 162 -1.63 -22.84 -11.46
N SER D 163 -0.81 -22.84 -12.51
CA SER D 163 0.52 -23.44 -12.43
C SER D 163 1.36 -22.80 -11.35
N GLU D 164 1.30 -21.46 -11.20
CA GLU D 164 2.03 -20.81 -10.12
C GLU D 164 1.54 -21.26 -8.74
N VAL D 165 0.22 -21.25 -8.51
CA VAL D 165 -0.31 -21.70 -7.23
C VAL D 165 0.19 -23.10 -6.89
N ALA D 166 0.19 -23.99 -7.90
CA ALA D 166 0.68 -25.35 -7.71
C ALA D 166 2.18 -25.37 -7.37
N SER D 167 2.98 -24.56 -8.07
CA SER D 167 4.42 -24.54 -7.79
C SER D 167 4.70 -24.02 -6.38
N TYR D 168 3.93 -23.06 -5.89
CA TYR D 168 4.13 -22.61 -4.51
C TYR D 168 3.75 -23.69 -3.50
N CYS D 169 2.61 -24.36 -3.71
CA CYS D 169 2.26 -25.47 -2.81
C CYS D 169 3.33 -26.55 -2.84
N ASP D 170 3.91 -26.80 -4.02
CA ASP D 170 4.98 -27.76 -4.16
C ASP D 170 6.22 -27.32 -3.40
N LYS D 171 6.50 -26.01 -3.40
CA LYS D 171 7.58 -25.50 -2.56
C LYS D 171 7.31 -25.83 -1.09
N VAL D 172 6.07 -25.64 -0.64
CA VAL D 172 5.77 -25.92 0.77
C VAL D 172 6.02 -27.38 1.07
N ALA D 173 5.49 -28.27 0.21
CA ALA D 173 5.64 -29.71 0.42
C ALA D 173 7.11 -30.12 0.41
N ALA D 174 7.89 -29.57 -0.52
CA ALA D 174 9.30 -29.93 -0.59
C ALA D 174 10.03 -29.47 0.66
N ALA D 175 9.70 -28.27 1.17
CA ALA D 175 10.42 -27.72 2.31
C ALA D 175 10.26 -28.58 3.57
N ILE D 176 9.10 -29.21 3.75
CA ILE D 176 8.95 -30.04 4.94
C ILE D 176 9.18 -31.51 4.59
#